data_9C3J
#
_entry.id   9C3J
#
_cell.length_a   1.00
_cell.length_b   1.00
_cell.length_c   1.00
_cell.angle_alpha   90.00
_cell.angle_beta   90.00
_cell.angle_gamma   90.00
#
_symmetry.space_group_name_H-M   'P 1'
#
loop_
_entity.id
_entity.type
_entity.pdbx_description
1 polymer VP1
2 polymer VP0
3 polymer VP3
#
loop_
_entity_poly.entity_id
_entity_poly.type
_entity_poly.pdbx_seq_one_letter_code
_entity_poly.pdbx_strand_id
1 'polypeptide(L)'
;VSETLVENFLSRAALVSKRSFEYKDHTSSTAQTDKNFFKWTINTRSFVQLRRKLELFTYLRFDAEITILTTVAVNGSNNN
TYVGLPDLTLQAMFVPTGALTPEKQDSFHWQSGSNASVFFKISDPPARMTIPFMCINSAYSVFYDGFAGFEKTGLYGINP
ADTIGNLCVRIVNEHQPVGFTVTVRVYMKPKHIKAWAPRPPRTLPYMSIANANYKG
;
A
2 'polypeptide(L)'
;ANYCCAYGEWPNYLPDHEAVAIDKPTQPETATDRFYTLRSVKWEATSTGWWWKLPDALNNIGMFGQNVQHHYLYRSGFLI
HVQCNATKFHQGALLVVAIPEHQRGAHNTTTSPGFDDIMKGEAGGTFNHPYVLDDGTSLACATIFPHQWINLRTNNSATI
VLPWMNAAPMDFPLRHNQWTLAIIPVVPLGTRTMSSMVPITVSIAPMCCEFN
;
B
3 'polypeptide(L)'
;GVPTYLLPGSGQFLTTDDHSSAPVLPCFNPTPEMHIPGQVRNMLEVVQVESMMEINNTESAVGMERLKVDISALTDVDQL
LFNIPLDIQLDGPLRNTLVGNISRYYTHWSGSLEMTFMFCGSFMATGKLILCYTPPGGSCPTTRETAMLGTHIVWDFGLQ
SSITLIIPWISGSHYRMFNNDAKSTNANVGYVTCFMQTNLIVPSESSDTCSLIGFIAAKDDFSLRLMRDSPDIGQIDHLH
GAEAAYQ
;
C
#
# COMPACT_ATOMS: atom_id res chain seq x y z
N VAL A 1 10.20 -20.21 -6.46
CA VAL A 1 10.43 -18.89 -5.89
C VAL A 1 10.29 -17.83 -6.98
N SER A 2 10.27 -18.26 -8.23
CA SER A 2 10.13 -17.34 -9.35
C SER A 2 8.70 -16.83 -9.51
N GLU A 3 7.71 -17.54 -8.96
CA GLU A 3 6.32 -17.12 -9.13
C GLU A 3 6.02 -15.87 -8.32
N THR A 4 6.74 -15.66 -7.21
CA THR A 4 6.47 -14.55 -6.31
C THR A 4 7.38 -13.36 -6.56
N LEU A 5 8.04 -13.31 -7.70
CA LEU A 5 8.78 -12.12 -8.08
C LEU A 5 7.82 -10.97 -8.36
N VAL A 6 8.33 -9.74 -8.27
CA VAL A 6 7.48 -8.57 -8.48
C VAL A 6 7.02 -8.51 -9.93
N GLU A 7 7.89 -8.89 -10.86
CA GLU A 7 7.52 -8.86 -12.28
C GLU A 7 6.34 -9.79 -12.56
N ASN A 8 6.39 -11.02 -12.02
CA ASN A 8 5.27 -11.94 -12.22
C ASN A 8 4.06 -11.54 -11.39
N PHE A 9 4.28 -10.86 -10.26
CA PHE A 9 3.19 -10.48 -9.39
C PHE A 9 2.36 -9.35 -10.00
N LEU A 10 3.01 -8.43 -10.71
CA LEU A 10 2.32 -7.27 -11.26
C LEU A 10 2.06 -7.37 -12.76
N SER A 11 2.77 -8.22 -13.48
CA SER A 11 2.67 -8.29 -14.94
C SER A 11 1.57 -9.26 -15.35
N ARG A 12 0.35 -8.88 -15.02
CA ARG A 12 -0.85 -9.62 -15.42
C ARG A 12 -1.76 -8.68 -16.20
N ALA A 13 -2.16 -9.11 -17.40
CA ALA A 13 -3.03 -8.29 -18.23
C ALA A 13 -4.40 -8.16 -17.57
N ALA A 14 -4.86 -6.93 -17.42
CA ALA A 14 -6.12 -6.65 -16.76
C ALA A 14 -6.93 -5.67 -17.58
N LEU A 15 -8.24 -5.91 -17.65
CA LEU A 15 -9.12 -4.99 -18.36
C LEU A 15 -9.18 -3.66 -17.62
N VAL A 16 -8.93 -2.57 -18.33
CA VAL A 16 -8.87 -1.25 -17.73
C VAL A 16 -9.93 -0.30 -18.26
N SER A 17 -10.62 -0.64 -19.34
CA SER A 17 -11.66 0.24 -19.88
C SER A 17 -12.57 -0.57 -20.78
N LYS A 18 -13.87 -0.41 -20.62
CA LYS A 18 -14.87 -1.17 -21.36
C LYS A 18 -15.97 -0.24 -21.87
N ARG A 19 -15.58 0.90 -22.42
CA ARG A 19 -16.55 1.86 -22.92
C ARG A 19 -17.04 1.46 -24.31
N SER A 20 -18.28 1.84 -24.61
CA SER A 20 -18.89 1.62 -25.91
C SER A 20 -19.52 2.92 -26.39
N PHE A 21 -19.53 3.10 -27.71
CA PHE A 21 -20.07 4.33 -28.29
C PHE A 21 -20.90 3.98 -29.52
N GLU A 22 -21.87 4.84 -29.80
CA GLU A 22 -22.74 4.69 -30.96
C GLU A 22 -22.03 5.20 -32.22
N TYR A 23 -22.51 4.75 -33.37
CA TYR A 23 -21.88 5.09 -34.64
C TYR A 23 -22.81 5.74 -35.66
N LYS A 24 -24.14 5.65 -35.48
CA LYS A 24 -25.07 6.07 -36.52
C LYS A 24 -24.88 7.53 -36.91
N ASP A 25 -25.35 7.87 -38.10
CA ASP A 25 -25.23 9.22 -38.64
C ASP A 25 -26.16 10.17 -37.90
N HIS A 26 -25.64 10.89 -36.91
CA HIS A 26 -26.44 11.82 -36.12
C HIS A 26 -26.63 13.10 -36.94
N THR A 27 -27.74 13.15 -37.67
CA THR A 27 -28.07 14.38 -38.40
C THR A 27 -28.32 15.53 -37.44
N SER A 28 -29.04 15.28 -36.36
CA SER A 28 -29.23 16.27 -35.32
C SER A 28 -27.99 16.36 -34.44
N SER A 29 -27.81 17.52 -33.82
CA SER A 29 -26.67 17.77 -32.93
C SER A 29 -27.04 17.27 -31.54
N THR A 30 -26.65 16.03 -31.23
CA THR A 30 -26.96 15.43 -29.94
C THR A 30 -25.84 14.46 -29.58
N ALA A 31 -25.77 14.14 -28.29
CA ALA A 31 -24.74 13.26 -27.74
C ALA A 31 -23.33 13.76 -28.09
N GLN A 32 -23.03 14.95 -27.56
CA GLN A 32 -21.77 15.60 -27.88
C GLN A 32 -20.60 14.92 -27.18
N THR A 33 -19.41 15.11 -27.76
CA THR A 33 -18.13 14.64 -27.23
C THR A 33 -17.99 13.12 -27.24
N ASP A 34 -19.05 12.42 -27.65
CA ASP A 34 -19.01 10.96 -27.78
C ASP A 34 -19.81 10.53 -29.00
N LYS A 35 -19.85 11.37 -30.03
CA LYS A 35 -20.65 11.05 -31.21
C LYS A 35 -20.15 9.78 -31.87
N ASN A 36 -18.86 9.71 -32.17
CA ASN A 36 -18.30 8.58 -32.90
C ASN A 36 -16.93 8.14 -32.40
N PHE A 37 -16.46 8.65 -31.26
CA PHE A 37 -15.12 8.33 -30.81
C PHE A 37 -15.10 8.19 -29.29
N PHE A 38 -14.08 7.48 -28.82
CA PHE A 38 -13.91 7.15 -27.41
C PHE A 38 -12.55 7.62 -26.94
N LYS A 39 -12.54 8.32 -25.81
CA LYS A 39 -11.32 8.88 -25.25
C LYS A 39 -11.16 8.41 -23.81
N TRP A 40 -9.93 8.07 -23.44
CA TRP A 40 -9.65 7.55 -22.11
C TRP A 40 -8.23 7.95 -21.71
N THR A 41 -8.11 8.65 -20.59
CA THR A 41 -6.79 8.98 -20.04
C THR A 41 -6.22 7.75 -19.37
N ILE A 42 -4.95 7.44 -19.68
CA ILE A 42 -4.32 6.22 -19.20
C ILE A 42 -4.00 6.40 -17.72
N ASN A 43 -4.71 5.67 -16.88
CA ASN A 43 -4.45 5.64 -15.44
C ASN A 43 -4.63 4.21 -14.97
N THR A 44 -4.43 4.00 -13.66
CA THR A 44 -4.54 2.68 -13.07
C THR A 44 -5.49 2.60 -11.89
N ARG A 45 -6.05 3.74 -11.46
CA ARG A 45 -6.94 3.77 -10.30
C ARG A 45 -8.38 3.46 -10.66
N SER A 46 -8.68 3.19 -11.93
CA SER A 46 -10.06 2.95 -12.34
C SER A 46 -10.61 1.68 -11.70
N PHE A 47 -9.84 0.61 -11.68
CA PHE A 47 -10.30 -0.69 -11.19
C PHE A 47 -9.69 -0.97 -9.82
N VAL A 48 -10.55 -1.37 -8.88
CA VAL A 48 -10.15 -1.48 -7.48
C VAL A 48 -9.08 -2.54 -7.29
N GLN A 49 -9.22 -3.68 -7.96
CA GLN A 49 -8.26 -4.78 -7.77
C GLN A 49 -6.86 -4.36 -8.20
N LEU A 50 -6.73 -3.84 -9.41
CA LEU A 50 -5.42 -3.40 -9.89
C LEU A 50 -4.91 -2.22 -9.07
N ARG A 51 -5.79 -1.32 -8.67
CA ARG A 51 -5.37 -0.19 -7.86
C ARG A 51 -4.78 -0.64 -6.52
N ARG A 52 -5.44 -1.60 -5.87
CA ARG A 52 -4.93 -2.11 -4.60
C ARG A 52 -3.63 -2.88 -4.79
N LYS A 53 -3.53 -3.66 -5.86
CA LYS A 53 -2.28 -4.38 -6.11
C LYS A 53 -1.13 -3.42 -6.37
N LEU A 54 -1.38 -2.35 -7.14
CA LEU A 54 -0.33 -1.37 -7.41
C LEU A 54 0.00 -0.55 -6.17
N GLU A 55 -0.98 -0.29 -5.32
CA GLU A 55 -0.76 0.55 -4.14
C GLU A 55 -0.14 -0.26 -3.02
N LEU A 56 0.92 -0.99 -3.34
CA LEU A 56 1.74 -1.68 -2.36
C LEU A 56 3.18 -1.19 -2.38
N PHE A 57 3.54 -0.35 -3.34
CA PHE A 57 4.87 0.21 -3.45
C PHE A 57 4.76 1.72 -3.66
N THR A 58 5.74 2.46 -3.15
CA THR A 58 5.70 3.91 -3.29
C THR A 58 6.04 4.33 -4.72
N TYR A 59 7.04 3.70 -5.33
CA TYR A 59 7.52 4.08 -6.65
C TYR A 59 7.49 2.88 -7.58
N LEU A 60 7.07 3.12 -8.82
CA LEU A 60 7.02 2.08 -9.83
C LEU A 60 7.59 2.61 -11.14
N ARG A 61 8.20 1.72 -11.91
CA ARG A 61 8.71 2.05 -13.24
C ARG A 61 8.41 0.88 -14.16
N PHE A 62 7.57 1.11 -15.16
CA PHE A 62 7.14 0.03 -16.03
C PHE A 62 6.74 0.59 -17.39
N ASP A 63 6.67 -0.29 -18.37
CA ASP A 63 6.16 0.02 -19.70
C ASP A 63 4.80 -0.63 -19.86
N ALA A 64 3.82 0.16 -20.31
CA ALA A 64 2.45 -0.32 -20.45
C ALA A 64 2.24 -0.89 -21.84
N GLU A 65 1.72 -2.12 -21.91
CA GLU A 65 1.38 -2.77 -23.17
C GLU A 65 -0.14 -2.75 -23.32
N ILE A 66 -0.62 -2.16 -24.41
CA ILE A 66 -2.04 -1.95 -24.63
C ILE A 66 -2.52 -2.92 -25.71
N THR A 67 -3.58 -3.67 -25.40
CA THR A 67 -4.24 -4.51 -26.37
C THR A 67 -5.69 -4.05 -26.49
N ILE A 68 -6.13 -3.76 -27.70
CA ILE A 68 -7.47 -3.24 -27.95
C ILE A 68 -8.24 -4.31 -28.69
N LEU A 69 -9.25 -4.87 -28.02
CA LEU A 69 -10.13 -5.87 -28.61
C LEU A 69 -11.52 -5.25 -28.76
N THR A 70 -12.01 -5.21 -29.99
CA THR A 70 -13.27 -4.53 -30.29
C THR A 70 -14.23 -5.51 -30.95
N THR A 71 -15.49 -5.42 -30.56
CA THR A 71 -16.55 -6.22 -31.15
C THR A 71 -17.68 -5.30 -31.59
N VAL A 72 -18.39 -5.72 -32.63
CA VAL A 72 -19.52 -4.98 -33.17
C VAL A 72 -20.77 -5.83 -33.03
N ALA A 73 -21.84 -5.22 -32.53
CA ALA A 73 -23.13 -5.87 -32.39
C ALA A 73 -24.11 -5.24 -33.36
N VAL A 74 -25.03 -6.05 -33.87
CA VAL A 74 -26.06 -5.58 -34.78
C VAL A 74 -26.83 -4.46 -34.10
N ASN A 75 -27.00 -3.32 -34.79
CA ASN A 75 -27.74 -2.19 -34.26
C ASN A 75 -29.10 -2.63 -33.77
N GLY A 76 -29.37 -2.44 -32.48
CA GLY A 76 -30.59 -2.96 -31.88
C GLY A 76 -31.83 -2.22 -32.31
N SER A 77 -32.05 -2.14 -33.62
CA SER A 77 -33.20 -1.45 -34.19
C SER A 77 -33.32 -1.79 -35.67
N ASN A 78 -34.21 -1.08 -36.36
CA ASN A 78 -34.39 -1.11 -37.82
C ASN A 78 -34.55 -2.55 -38.31
N ASN A 79 -34.15 -2.81 -39.55
CA ASN A 79 -34.33 -4.12 -40.16
C ASN A 79 -33.45 -5.15 -39.46
N ASN A 80 -34.01 -6.33 -39.20
CA ASN A 80 -33.31 -7.39 -38.49
C ASN A 80 -32.59 -8.36 -39.43
N THR A 81 -32.65 -8.15 -40.74
CA THR A 81 -31.97 -9.05 -41.67
C THR A 81 -30.47 -9.03 -41.44
N TYR A 82 -29.91 -10.21 -41.19
CA TYR A 82 -28.49 -10.34 -40.87
C TYR A 82 -27.68 -10.29 -42.16
N VAL A 83 -27.59 -9.09 -42.72
CA VAL A 83 -26.78 -8.86 -43.92
C VAL A 83 -25.30 -9.07 -43.60
N GLY A 84 -24.91 -8.92 -42.34
CA GLY A 84 -23.54 -9.08 -41.93
C GLY A 84 -23.00 -7.84 -41.23
N LEU A 85 -21.81 -7.99 -40.69
CA LEU A 85 -21.14 -6.91 -39.99
C LEU A 85 -19.99 -6.41 -40.84
N PRO A 86 -20.07 -5.22 -41.43
CA PRO A 86 -19.04 -4.78 -42.37
C PRO A 86 -17.69 -4.58 -41.67
N ASP A 87 -16.63 -4.73 -42.46
CA ASP A 87 -15.26 -4.58 -41.98
C ASP A 87 -14.96 -3.10 -41.79
N LEU A 88 -15.27 -2.58 -40.61
CA LEU A 88 -14.96 -1.21 -40.28
C LEU A 88 -13.52 -1.11 -39.79
N THR A 89 -12.79 -0.12 -40.28
CA THR A 89 -11.45 0.14 -39.78
C THR A 89 -11.50 1.16 -38.65
N LEU A 90 -10.59 1.01 -37.70
CA LEU A 90 -10.53 1.88 -36.54
C LEU A 90 -9.15 2.51 -36.43
N GLN A 91 -9.11 3.67 -35.80
CA GLN A 91 -7.87 4.39 -35.57
C GLN A 91 -7.72 4.60 -34.07
N ALA A 92 -6.64 4.08 -33.51
CA ALA A 92 -6.29 4.30 -32.11
C ALA A 92 -5.05 5.18 -32.06
N MET A 93 -5.19 6.35 -31.46
CA MET A 93 -4.10 7.33 -31.40
C MET A 93 -3.68 7.53 -29.96
N PHE A 94 -2.38 7.46 -29.70
CA PHE A 94 -1.83 7.70 -28.38
C PHE A 94 -1.38 9.16 -28.31
N VAL A 95 -1.97 9.92 -27.39
CA VAL A 95 -1.63 11.33 -27.24
C VAL A 95 -0.83 11.51 -25.96
N PRO A 96 0.49 11.67 -26.05
CA PRO A 96 1.29 11.90 -24.83
C PRO A 96 0.96 13.25 -24.22
N THR A 97 1.36 13.40 -22.96
CA THR A 97 1.08 14.64 -22.25
C THR A 97 1.79 15.81 -22.92
N GLY A 98 1.16 16.99 -22.86
CA GLY A 98 1.66 18.14 -23.55
C GLY A 98 1.22 18.27 -24.99
N ALA A 99 0.33 17.41 -25.47
CA ALA A 99 -0.20 17.45 -26.82
C ALA A 99 -1.69 17.69 -26.78
N LEU A 100 -2.28 17.85 -27.97
CA LEU A 100 -3.69 18.20 -28.10
C LEU A 100 -4.51 16.94 -28.36
N THR A 101 -5.58 16.78 -27.58
CA THR A 101 -6.50 15.66 -27.68
C THR A 101 -7.67 16.04 -28.59
N PRO A 102 -8.05 15.17 -29.54
CA PRO A 102 -9.19 15.49 -30.40
C PRO A 102 -10.47 15.68 -29.61
N GLU A 103 -11.30 16.61 -30.07
CA GLU A 103 -12.58 16.89 -29.44
C GLU A 103 -13.77 16.37 -30.24
N LYS A 104 -13.59 16.04 -31.51
CA LYS A 104 -14.66 15.50 -32.34
C LYS A 104 -14.07 14.45 -33.27
N GLN A 105 -14.96 13.67 -33.88
CA GLN A 105 -14.52 12.58 -34.74
C GLN A 105 -13.80 13.07 -36.00
N ASP A 106 -14.07 14.29 -36.45
CA ASP A 106 -13.54 14.80 -37.71
C ASP A 106 -12.57 15.96 -37.49
N SER A 107 -11.99 16.05 -36.30
CA SER A 107 -11.03 17.11 -36.04
C SER A 107 -9.73 16.84 -36.78
N PHE A 108 -8.96 17.91 -37.01
CA PHE A 108 -7.68 17.78 -37.71
C PHE A 108 -6.61 17.13 -36.86
N HIS A 109 -6.83 16.98 -35.56
CA HIS A 109 -5.83 16.36 -34.70
C HIS A 109 -5.63 14.89 -35.01
N TRP A 110 -6.61 14.24 -35.65
CA TRP A 110 -6.46 12.84 -36.03
C TRP A 110 -5.40 12.65 -37.11
N GLN A 111 -5.04 13.70 -37.84
CA GLN A 111 -4.08 13.62 -38.93
C GLN A 111 -2.69 14.09 -38.53
N SER A 112 -2.48 14.41 -37.25
CA SER A 112 -1.18 14.91 -36.83
C SER A 112 -0.11 13.82 -36.95
N GLY A 113 1.05 14.21 -37.46
CA GLY A 113 2.15 13.28 -37.62
C GLY A 113 2.92 13.03 -36.34
N SER A 114 2.77 13.93 -35.37
CA SER A 114 3.49 13.78 -34.10
C SER A 114 2.88 12.65 -33.27
N ASN A 115 1.55 12.60 -33.19
CA ASN A 115 0.89 11.54 -32.44
C ASN A 115 0.92 10.23 -33.22
N ALA A 116 1.37 9.18 -32.55
CA ALA A 116 1.43 7.87 -33.20
C ALA A 116 0.06 7.22 -33.21
N SER A 117 -0.30 6.64 -34.35
CA SER A 117 -1.62 6.07 -34.55
C SER A 117 -1.49 4.63 -35.04
N VAL A 118 -2.54 3.84 -34.78
CA VAL A 118 -2.62 2.45 -35.22
C VAL A 118 -3.94 2.27 -35.95
N PHE A 119 -3.88 1.79 -37.18
CA PHE A 119 -5.07 1.49 -37.97
C PHE A 119 -5.24 -0.03 -38.02
N PHE A 120 -6.44 -0.49 -37.65
CA PHE A 120 -6.74 -1.91 -37.63
C PHE A 120 -8.20 -2.12 -37.99
N LYS A 121 -8.49 -3.34 -38.44
CA LYS A 121 -9.84 -3.70 -38.90
C LYS A 121 -10.58 -4.50 -37.83
N ILE A 122 -11.90 -4.53 -37.97
CA ILE A 122 -12.75 -5.23 -37.01
C ILE A 122 -12.59 -6.74 -37.10
N SER A 123 -12.07 -7.26 -38.21
CA SER A 123 -11.99 -8.70 -38.45
C SER A 123 -10.54 -9.16 -38.49
N ASP A 124 -9.71 -8.61 -37.62
CA ASP A 124 -8.30 -8.93 -37.52
C ASP A 124 -7.97 -9.26 -36.08
N PRO A 125 -6.81 -9.86 -35.82
CA PRO A 125 -6.37 -10.03 -34.44
C PRO A 125 -6.29 -8.68 -33.75
N PRO A 126 -6.61 -8.62 -32.45
CA PRO A 126 -6.70 -7.33 -31.78
C PRO A 126 -5.39 -6.55 -31.84
N ALA A 127 -5.53 -5.24 -31.98
CA ALA A 127 -4.36 -4.37 -32.08
C ALA A 127 -3.58 -4.37 -30.76
N ARG A 128 -2.28 -4.17 -30.87
CA ARG A 128 -1.42 -4.23 -29.69
C ARG A 128 -0.22 -3.30 -29.88
N MET A 129 0.04 -2.47 -28.88
CA MET A 129 1.19 -1.58 -28.88
C MET A 129 1.63 -1.38 -27.44
N THR A 130 2.93 -1.10 -27.27
CA THR A 130 3.52 -0.94 -25.94
C THR A 130 3.99 0.50 -25.76
N ILE A 131 3.51 1.14 -24.70
CA ILE A 131 3.89 2.52 -24.37
C ILE A 131 5.10 2.48 -23.44
N PRO A 132 6.17 3.19 -23.76
CA PRO A 132 7.37 3.17 -22.93
C PRO A 132 7.17 3.97 -21.65
N PHE A 133 8.18 3.94 -20.79
CA PHE A 133 8.17 4.74 -19.58
C PHE A 133 8.27 6.21 -19.94
N MET A 134 7.24 6.98 -19.60
CA MET A 134 7.08 8.34 -20.12
C MET A 134 6.89 9.33 -18.98
N CYS A 135 7.77 9.27 -17.98
CA CYS A 135 7.76 10.21 -16.87
C CYS A 135 9.06 11.01 -16.87
N ILE A 136 8.96 12.29 -16.49
CA ILE A 136 10.16 13.11 -16.38
C ILE A 136 11.01 12.70 -15.19
N ASN A 137 10.41 12.08 -14.17
CA ASN A 137 11.15 11.58 -13.03
C ASN A 137 11.67 10.17 -13.34
N SER A 138 12.46 9.62 -12.41
CA SER A 138 13.03 8.30 -12.63
C SER A 138 12.02 7.18 -12.42
N ALA A 139 10.88 7.47 -11.78
CA ALA A 139 9.87 6.46 -11.54
C ALA A 139 8.53 7.14 -11.32
N TYR A 140 7.46 6.38 -11.53
CA TYR A 140 6.13 6.87 -11.23
C TYR A 140 5.93 6.96 -9.73
N SER A 141 5.11 7.92 -9.32
CA SER A 141 4.78 8.12 -7.91
C SER A 141 3.35 7.65 -7.70
N VAL A 142 3.22 6.45 -7.12
CA VAL A 142 1.89 5.94 -6.77
C VAL A 142 1.26 6.84 -5.72
N PHE A 143 2.03 7.25 -4.73
CA PHE A 143 1.60 8.19 -3.71
C PHE A 143 2.44 9.46 -3.81
N TYR A 144 1.79 10.61 -3.64
CA TYR A 144 2.44 11.91 -3.72
C TYR A 144 1.98 12.76 -2.54
N ASP A 145 2.89 13.00 -1.60
CA ASP A 145 2.58 13.82 -0.43
C ASP A 145 2.99 15.27 -0.72
N GLY A 146 2.25 15.87 -1.63
CA GLY A 146 2.53 17.24 -2.03
C GLY A 146 1.41 17.80 -2.88
N PHE A 147 1.52 19.09 -3.18
CA PHE A 147 0.54 19.79 -3.98
C PHE A 147 1.10 20.06 -5.36
N ALA A 148 0.24 19.95 -6.37
CA ALA A 148 0.71 20.01 -7.76
C ALA A 148 1.24 21.39 -8.11
N GLY A 149 0.39 22.41 -8.04
CA GLY A 149 0.80 23.74 -8.44
C GLY A 149 1.46 24.51 -7.32
N PHE A 150 2.18 25.57 -7.71
CA PHE A 150 2.80 26.46 -6.74
C PHE A 150 1.77 27.36 -6.04
N GLU A 151 0.57 27.49 -6.58
CA GLU A 151 -0.50 28.18 -5.88
C GLU A 151 -1.11 27.26 -4.84
N LYS A 152 -1.70 27.86 -3.80
CA LYS A 152 -2.33 27.08 -2.75
C LYS A 152 -3.55 26.31 -3.24
N THR A 153 -4.08 26.67 -4.41
CA THR A 153 -5.26 26.00 -4.94
C THR A 153 -4.94 24.60 -5.44
N GLY A 154 -3.66 24.29 -5.68
CA GLY A 154 -3.24 23.03 -6.22
C GLY A 154 -3.77 21.82 -5.46
N LEU A 155 -4.24 20.81 -6.19
CA LEU A 155 -4.85 19.66 -5.56
C LEU A 155 -3.81 18.80 -4.85
N TYR A 156 -4.25 18.14 -3.79
CA TYR A 156 -3.39 17.29 -2.98
C TYR A 156 -3.31 15.89 -3.58
N GLY A 157 -2.10 15.36 -3.67
CA GLY A 157 -1.87 14.01 -4.11
C GLY A 157 -1.73 13.83 -5.61
N ILE A 158 -1.91 14.89 -6.39
CA ILE A 158 -1.80 14.83 -7.84
C ILE A 158 -0.43 15.34 -8.23
N ASN A 159 0.36 14.48 -8.86
CA ASN A 159 1.69 14.86 -9.31
C ASN A 159 1.61 15.43 -10.72
N PRO A 160 2.13 16.64 -10.97
CA PRO A 160 2.18 17.15 -12.35
C PRO A 160 2.94 16.24 -13.30
N ALA A 161 3.87 15.44 -12.77
CA ALA A 161 4.56 14.43 -13.58
C ALA A 161 3.65 13.24 -13.77
N ASP A 162 4.20 12.11 -14.22
CA ASP A 162 3.41 10.94 -14.60
C ASP A 162 2.44 11.33 -15.70
N THR A 163 1.16 11.02 -15.52
CA THR A 163 0.12 11.34 -16.51
C THR A 163 0.54 10.85 -17.90
N ILE A 164 0.57 9.51 -18.01
CA ILE A 164 1.13 8.84 -19.19
C ILE A 164 0.58 9.45 -20.47
N GLY A 165 -0.72 9.64 -20.54
CA GLY A 165 -1.32 10.27 -21.70
C GLY A 165 -2.74 9.80 -21.90
N ASN A 166 -3.28 10.10 -23.08
CA ASN A 166 -4.64 9.78 -23.45
C ASN A 166 -4.65 8.79 -24.61
N LEU A 167 -5.68 7.95 -24.65
CA LEU A 167 -5.90 7.02 -25.73
C LEU A 167 -7.23 7.36 -26.40
N CYS A 168 -7.19 7.59 -27.70
CA CYS A 168 -8.36 7.99 -28.47
C CYS A 168 -8.62 6.98 -29.58
N VAL A 169 -9.84 6.49 -29.65
CA VAL A 169 -10.24 5.49 -30.63
C VAL A 169 -11.46 6.01 -31.37
N ARG A 170 -11.47 5.88 -32.70
CA ARG A 170 -12.56 6.37 -33.52
C ARG A 170 -12.80 5.39 -34.67
N ILE A 171 -13.92 5.58 -35.35
CA ILE A 171 -14.25 4.83 -36.56
C ILE A 171 -13.86 5.69 -37.76
N VAL A 172 -12.91 5.21 -38.55
CA VAL A 172 -12.42 5.98 -39.69
C VAL A 172 -13.51 6.10 -40.76
N ASN A 173 -14.32 5.06 -40.92
CA ASN A 173 -15.30 5.03 -42.00
C ASN A 173 -16.33 6.13 -41.85
N GLU A 174 -16.69 6.74 -42.98
CA GLU A 174 -17.77 7.73 -43.01
C GLU A 174 -19.10 7.01 -42.82
N HIS A 175 -20.03 7.69 -42.12
CA HIS A 175 -21.25 7.09 -41.62
C HIS A 175 -21.98 6.27 -42.69
N GLN A 176 -22.09 4.96 -42.45
CA GLN A 176 -22.89 4.12 -43.32
C GLN A 176 -24.37 4.46 -43.17
N PRO A 177 -25.19 4.08 -44.16
CA PRO A 177 -26.64 4.34 -44.02
C PRO A 177 -27.25 3.70 -42.79
N VAL A 178 -26.66 2.62 -42.29
CA VAL A 178 -27.14 1.96 -41.07
C VAL A 178 -26.06 2.11 -40.00
N GLY A 179 -26.47 2.55 -38.82
CA GLY A 179 -25.56 2.68 -37.70
C GLY A 179 -25.26 1.37 -37.03
N PHE A 180 -24.39 1.43 -36.02
CA PHE A 180 -23.98 0.24 -35.31
C PHE A 180 -23.50 0.61 -33.91
N THR A 181 -23.44 -0.40 -33.05
CA THR A 181 -22.91 -0.26 -31.70
C THR A 181 -21.54 -0.91 -31.64
N VAL A 182 -20.54 -0.15 -31.20
CA VAL A 182 -19.16 -0.63 -31.13
C VAL A 182 -18.74 -0.64 -29.68
N THR A 183 -18.28 -1.79 -29.20
CA THR A 183 -17.77 -1.94 -27.84
C THR A 183 -16.25 -2.06 -27.92
N VAL A 184 -15.55 -1.19 -27.20
CA VAL A 184 -14.10 -1.16 -27.20
C VAL A 184 -13.61 -1.70 -25.86
N ARG A 185 -12.79 -2.73 -25.91
CA ARG A 185 -12.23 -3.37 -24.72
C ARG A 185 -10.73 -3.27 -24.81
N VAL A 186 -10.11 -2.60 -23.83
CA VAL A 186 -8.67 -2.35 -23.84
C VAL A 186 -8.05 -2.97 -22.60
N TYR A 187 -6.96 -3.71 -22.80
CA TYR A 187 -6.25 -4.40 -21.74
C TYR A 187 -4.86 -3.81 -21.59
N MET A 188 -4.42 -3.63 -20.35
CA MET A 188 -3.10 -3.09 -20.04
C MET A 188 -2.32 -4.13 -19.26
N LYS A 189 -1.05 -4.29 -19.61
CA LYS A 189 -0.16 -5.24 -18.94
C LYS A 189 1.20 -4.57 -18.71
N PRO A 190 1.55 -4.24 -17.48
CA PRO A 190 2.86 -3.65 -17.23
C PRO A 190 3.98 -4.61 -17.57
N LYS A 191 5.11 -4.06 -18.00
CA LYS A 191 6.28 -4.84 -18.37
C LYS A 191 7.54 -4.16 -17.85
N HIS A 192 8.56 -4.97 -17.60
CA HIS A 192 9.84 -4.49 -17.06
C HIS A 192 9.61 -3.69 -15.79
N ILE A 193 8.89 -4.29 -14.85
CA ILE A 193 8.44 -3.58 -13.66
C ILE A 193 9.57 -3.50 -12.64
N LYS A 194 9.76 -2.31 -12.07
CA LYS A 194 10.66 -2.10 -10.96
C LYS A 194 9.87 -1.42 -9.84
N ALA A 195 10.09 -1.86 -8.60
CA ALA A 195 9.31 -1.39 -7.47
C ALA A 195 10.23 -0.96 -6.34
N TRP A 196 9.76 0.00 -5.54
CA TRP A 196 10.53 0.52 -4.43
C TRP A 196 9.60 0.79 -3.25
N ALA A 197 10.16 0.67 -2.04
CA ALA A 197 9.50 1.06 -0.79
C ALA A 197 8.14 0.42 -0.62
N PRO A 198 8.07 -0.87 -0.28
CA PRO A 198 6.76 -1.52 -0.11
C PRO A 198 5.97 -0.89 1.02
N ARG A 199 4.64 -0.97 0.89
CA ARG A 199 3.69 -0.32 1.77
C ARG A 199 2.70 -1.33 2.32
N PRO A 200 2.08 -1.04 3.46
CA PRO A 200 1.04 -1.94 3.97
C PRO A 200 -0.16 -1.94 3.05
N PRO A 201 -0.89 -3.05 2.98
CA PRO A 201 -2.07 -3.12 2.09
C PRO A 201 -3.17 -2.18 2.56
N ARG A 202 -4.19 -2.07 1.73
CA ARG A 202 -5.29 -1.14 1.94
C ARG A 202 -6.55 -1.89 2.35
N THR A 203 -7.04 -1.61 3.54
CA THR A 203 -8.38 -1.98 3.98
C THR A 203 -9.30 -0.79 3.71
N LEU A 204 -10.51 -0.82 4.29
CA LEU A 204 -11.40 0.33 4.25
C LEU A 204 -11.68 0.79 2.81
N PRO A 205 -12.59 0.11 2.09
CA PRO A 205 -12.76 0.32 0.65
C PRO A 205 -12.71 1.77 0.18
N TYR A 206 -12.20 1.98 -1.03
CA TYR A 206 -11.96 3.31 -1.55
C TYR A 206 -13.26 4.09 -1.68
N MET A 207 -13.17 5.39 -1.46
CA MET A 207 -14.31 6.29 -1.61
C MET A 207 -14.18 7.21 -2.81
N SER A 208 -13.00 7.32 -3.42
CA SER A 208 -12.81 8.18 -4.58
C SER A 208 -11.57 7.70 -5.33
N ILE A 209 -11.44 8.18 -6.56
CA ILE A 209 -10.26 7.89 -7.37
C ILE A 209 -9.18 8.94 -7.16
N ALA A 210 -9.57 10.20 -7.01
CA ALA A 210 -8.59 11.28 -6.88
C ALA A 210 -7.76 11.14 -5.61
N ASN A 211 -8.40 10.76 -4.50
CA ASN A 211 -7.72 10.77 -3.21
C ASN A 211 -7.79 9.42 -2.51
N ALA A 212 -7.35 9.37 -1.26
CA ALA A 212 -7.31 8.15 -0.47
C ALA A 212 -8.21 8.26 0.75
N ASN A 213 -9.37 8.90 0.59
CA ASN A 213 -10.30 9.05 1.69
C ASN A 213 -10.90 7.71 2.07
N TYR A 214 -11.34 7.61 3.34
CA TYR A 214 -11.84 6.35 3.88
C TYR A 214 -13.08 6.64 4.72
N LYS A 215 -13.86 5.58 4.94
CA LYS A 215 -15.07 5.63 5.76
C LYS A 215 -14.84 4.74 6.97
N GLY A 216 -14.26 5.30 8.02
CA GLY A 216 -13.97 4.55 9.23
C GLY A 216 -14.95 4.82 10.36
N ALA B 1 23.03 5.62 19.79
CA ALA B 1 22.92 4.38 20.55
C ALA B 1 21.99 3.39 19.85
N ASN B 2 22.57 2.54 19.01
CA ASN B 2 21.84 1.52 18.26
C ASN B 2 20.74 2.15 17.40
N TYR B 3 21.18 2.99 16.46
CA TYR B 3 20.25 3.66 15.58
C TYR B 3 19.74 2.71 14.50
N CYS B 4 18.56 3.03 13.95
CA CYS B 4 18.01 2.33 12.80
C CYS B 4 18.34 3.13 11.56
N CYS B 5 19.00 2.49 10.59
CA CYS B 5 19.50 3.17 9.40
C CYS B 5 18.57 3.01 8.21
N ALA B 6 17.27 2.86 8.46
CA ALA B 6 16.28 2.68 7.40
C ALA B 6 16.68 1.56 6.45
N TYR B 7 16.45 1.76 5.16
CA TYR B 7 16.95 0.82 4.17
C TYR B 7 18.48 0.85 4.15
N GLY B 8 19.08 -0.31 3.90
CA GLY B 8 20.52 -0.44 3.96
C GLY B 8 21.28 0.49 3.03
N GLU B 9 21.87 1.53 3.60
CA GLU B 9 22.57 2.59 2.86
C GLU B 9 23.10 3.57 3.89
N TRP B 10 24.02 4.43 3.46
CA TRP B 10 24.50 5.52 4.30
C TRP B 10 25.00 6.67 3.43
N PRO B 11 24.36 7.85 3.50
CA PRO B 11 24.74 9.02 2.70
C PRO B 11 25.96 9.74 3.25
N THR B 32 24.16 20.88 9.64
CA THR B 32 25.21 19.98 10.10
C THR B 32 25.24 19.88 11.62
N ASP B 33 24.71 18.78 12.15
CA ASP B 33 24.65 18.53 13.59
C ASP B 33 23.90 19.64 14.33
N ARG B 34 22.96 20.29 13.64
CA ARG B 34 22.21 21.38 14.27
C ARG B 34 21.24 20.83 15.31
N PHE B 35 20.50 19.78 14.95
CA PHE B 35 19.58 19.09 15.86
C PHE B 35 18.53 20.06 16.43
N TYR B 36 17.72 20.56 15.52
CA TYR B 36 16.60 21.43 15.89
C TYR B 36 15.63 20.65 16.78
N THR B 37 15.60 20.98 18.07
CA THR B 37 14.75 20.29 19.02
C THR B 37 13.36 20.91 19.01
N LEU B 38 12.37 20.10 18.66
CA LEU B 38 11.00 20.57 18.64
C LEU B 38 10.44 20.65 20.06
N ARG B 39 9.32 21.35 20.20
CA ARG B 39 8.65 21.43 21.49
C ARG B 39 8.12 20.05 21.89
N SER B 40 8.28 19.72 23.17
CA SER B 40 7.88 18.42 23.65
C SER B 40 6.37 18.26 23.62
N VAL B 41 5.92 17.04 23.35
CA VAL B 41 4.50 16.71 23.31
C VAL B 41 4.14 15.97 24.58
N LYS B 42 2.87 16.05 24.95
CA LYS B 42 2.40 15.53 26.23
C LYS B 42 1.73 14.18 26.00
N TRP B 43 2.34 13.11 26.50
CA TRP B 43 1.81 11.77 26.33
C TRP B 43 0.92 11.44 27.52
N GLU B 44 -0.38 11.33 27.27
CA GLU B 44 -1.36 11.02 28.29
C GLU B 44 -1.84 9.59 28.14
N ALA B 45 -2.81 9.21 28.96
CA ALA B 45 -3.43 7.89 28.86
C ALA B 45 -4.43 7.82 27.72
N THR B 46 -4.80 8.95 27.12
CA THR B 46 -5.78 8.99 26.04
C THR B 46 -5.19 9.54 24.74
N SER B 47 -3.87 9.65 24.65
CA SER B 47 -3.25 10.19 23.43
C SER B 47 -3.41 9.19 22.29
N THR B 48 -3.56 9.71 21.08
CA THR B 48 -3.70 8.90 19.88
C THR B 48 -2.43 8.83 19.05
N GLY B 49 -1.67 9.91 18.99
CA GLY B 49 -0.42 9.91 18.24
C GLY B 49 -0.11 11.29 17.73
N TRP B 50 1.11 11.42 17.19
CA TRP B 50 1.59 12.68 16.63
C TRP B 50 2.35 12.38 15.35
N TRP B 51 2.33 13.34 14.42
CA TRP B 51 3.08 13.20 13.18
C TRP B 51 3.65 14.56 12.78
N TRP B 52 4.79 14.50 12.09
CA TRP B 52 5.45 15.68 11.55
C TRP B 52 5.90 15.40 10.12
N LYS B 53 5.55 16.29 9.20
CA LYS B 53 6.08 16.20 7.85
C LYS B 53 7.45 16.86 7.82
N LEU B 54 8.47 16.08 7.45
CA LEU B 54 9.84 16.51 7.73
C LEU B 54 10.24 17.78 6.99
N PRO B 55 10.06 17.91 5.67
CA PRO B 55 10.35 19.22 5.05
C PRO B 55 9.39 20.31 5.48
N ASP B 56 8.12 19.97 5.76
CA ASP B 56 7.16 20.96 6.20
C ASP B 56 7.59 21.56 7.54
N ALA B 57 7.87 20.71 8.51
CA ALA B 57 8.52 21.17 9.73
C ALA B 57 9.98 21.47 9.41
N LEU B 58 10.72 21.90 10.43
CA LEU B 58 12.17 22.10 10.37
C LEU B 58 12.54 23.27 9.46
N ASN B 59 11.59 23.89 8.78
CA ASN B 59 11.85 25.08 7.98
C ASN B 59 11.10 26.27 8.59
N ASN B 60 11.43 27.46 8.11
CA ASN B 60 10.95 28.75 8.60
C ASN B 60 11.28 28.98 10.07
N ILE B 61 12.11 28.13 10.67
CA ILE B 61 12.49 28.24 12.07
C ILE B 61 13.98 28.52 12.23
N GLY B 62 14.82 27.96 11.37
CA GLY B 62 16.25 28.09 11.53
C GLY B 62 17.03 28.42 10.27
N MET B 63 18.33 28.14 10.30
CA MET B 63 19.15 28.33 9.10
C MET B 63 18.72 27.40 7.97
N PHE B 64 18.27 26.19 8.31
CA PHE B 64 17.68 25.33 7.29
C PHE B 64 16.46 25.98 6.66
N GLY B 65 15.63 26.61 7.49
CA GLY B 65 14.46 27.31 6.96
C GLY B 65 14.83 28.46 6.05
N GLN B 66 15.82 29.25 6.45
CA GLN B 66 16.24 30.38 5.62
C GLN B 66 16.83 29.89 4.30
N ASN B 67 17.62 28.81 4.33
CA ASN B 67 18.15 28.23 3.09
C ASN B 67 17.02 27.70 2.21
N VAL B 68 16.02 27.05 2.81
CA VAL B 68 14.90 26.53 2.04
C VAL B 68 14.12 27.66 1.40
N GLN B 69 13.98 28.79 2.12
CA GLN B 69 13.34 29.96 1.53
C GLN B 69 14.17 30.57 0.41
N HIS B 70 15.49 30.58 0.54
CA HIS B 70 16.35 31.19 -0.46
C HIS B 70 16.63 30.28 -1.65
N HIS B 71 16.27 29.00 -1.59
CA HIS B 71 16.58 28.08 -2.67
C HIS B 71 15.33 27.33 -3.11
N TYR B 72 15.26 27.04 -4.41
CA TYR B 72 14.20 26.21 -4.96
C TYR B 72 14.49 24.72 -4.84
N LEU B 73 15.76 24.34 -4.71
CA LEU B 73 16.18 22.95 -4.61
C LEU B 73 17.00 22.79 -3.33
N TYR B 74 16.78 21.69 -2.62
CA TYR B 74 17.44 21.41 -1.36
C TYR B 74 17.70 19.91 -1.25
N ARG B 75 18.68 19.53 -0.44
CA ARG B 75 19.06 18.14 -0.25
C ARG B 75 19.06 17.82 1.23
N SER B 76 18.73 16.58 1.56
CA SER B 76 18.39 16.20 2.92
C SER B 76 18.79 14.74 3.14
N GLY B 77 18.15 14.13 4.14
CA GLY B 77 18.41 12.78 4.57
C GLY B 77 18.16 12.67 6.06
N PHE B 78 18.23 13.80 6.76
CA PHE B 78 17.71 13.93 8.12
C PHE B 78 18.34 12.98 9.13
N LEU B 79 18.03 13.19 10.40
CA LEU B 79 18.46 12.28 11.46
C LEU B 79 17.53 12.51 12.63
N ILE B 80 16.69 11.52 12.92
CA ILE B 80 15.61 11.66 13.90
C ILE B 80 16.05 11.02 15.21
N HIS B 81 15.84 11.75 16.31
CA HIS B 81 16.07 11.23 17.65
C HIS B 81 14.85 11.51 18.49
N VAL B 82 14.31 10.46 19.12
CA VAL B 82 13.11 10.56 19.94
C VAL B 82 13.46 10.08 21.34
N GLN B 83 13.09 10.88 22.35
CA GLN B 83 13.39 10.57 23.74
C GLN B 83 12.14 10.65 24.58
N CYS B 84 12.06 9.77 25.57
CA CYS B 84 10.97 9.76 26.54
C CYS B 84 11.54 9.85 27.94
N ASN B 85 10.93 10.69 28.78
CA ASN B 85 11.34 10.88 30.16
C ASN B 85 10.28 10.23 31.05
N ALA B 86 10.55 8.98 31.46
CA ALA B 86 9.64 8.23 32.29
C ALA B 86 10.41 7.52 33.39
N THR B 87 9.72 7.27 34.51
CA THR B 87 10.32 6.57 35.62
C THR B 87 10.20 5.06 35.42
N LYS B 88 10.70 4.30 36.39
CA LYS B 88 10.59 2.84 36.34
C LYS B 88 9.20 2.34 36.66
N PHE B 89 8.31 3.20 37.16
CA PHE B 89 6.94 2.81 37.47
C PHE B 89 5.98 3.09 36.32
N HIS B 90 6.47 3.61 35.20
CA HIS B 90 5.63 3.86 34.04
C HIS B 90 5.66 2.66 33.10
N GLN B 91 4.57 2.50 32.35
CA GLN B 91 4.44 1.43 31.38
C GLN B 91 3.80 1.97 30.11
N GLY B 92 4.14 1.35 28.99
CA GLY B 92 3.60 1.75 27.71
C GLY B 92 4.58 1.43 26.60
N ALA B 93 4.04 1.31 25.39
CA ALA B 93 4.84 1.01 24.21
C ALA B 93 4.58 2.07 23.14
N LEU B 94 5.66 2.52 22.50
CA LEU B 94 5.59 3.55 21.48
C LEU B 94 6.14 3.00 20.18
N LEU B 95 5.44 3.26 19.08
CA LEU B 95 5.90 2.87 17.75
C LEU B 95 6.32 4.14 17.02
N VAL B 96 7.61 4.25 16.73
CA VAL B 96 8.16 5.38 15.99
C VAL B 96 8.43 4.90 14.58
N VAL B 97 7.68 5.43 13.61
CA VAL B 97 7.74 4.97 12.23
C VAL B 97 7.86 6.16 11.31
N ALA B 98 8.76 6.07 10.34
CA ALA B 98 8.92 7.09 9.30
C ALA B 98 8.31 6.57 8.01
N ILE B 99 7.29 7.27 7.52
CA ILE B 99 6.52 6.84 6.35
C ILE B 99 6.94 7.68 5.16
N PRO B 100 7.41 7.08 4.07
CA PRO B 100 7.76 7.87 2.87
C PRO B 100 6.51 8.16 2.05
N GLU B 101 6.33 9.43 1.68
CA GLU B 101 5.21 9.88 0.87
C GLU B 101 3.87 9.46 1.47
N HIS B 102 3.69 9.79 2.75
CA HIS B 102 2.46 9.45 3.45
C HIS B 102 1.36 10.39 3.02
N GLN B 103 0.68 10.04 1.93
CA GLN B 103 -0.47 10.80 1.46
C GLN B 103 -1.67 10.42 2.30
N ARG B 104 -2.11 11.33 3.16
CA ARG B 104 -3.23 11.05 4.05
C ARG B 104 -4.54 11.50 3.43
N GLY B 105 -5.61 10.78 3.76
CA GLY B 105 -6.94 11.09 3.30
C GLY B 105 -7.82 11.65 4.41
N ALA B 106 -9.02 12.07 3.99
CA ALA B 106 -10.00 12.60 4.92
C ALA B 106 -10.91 11.47 5.40
N HIS B 107 -11.93 11.84 6.18
CA HIS B 107 -12.83 10.88 6.78
C HIS B 107 -14.27 11.23 6.44
N ASN B 108 -15.01 10.26 5.90
CA ASN B 108 -16.43 10.40 5.59
C ASN B 108 -16.69 11.56 4.64
N THR B 109 -15.81 11.78 3.67
CA THR B 109 -16.02 12.82 2.68
C THR B 109 -15.16 12.52 1.47
N THR B 110 -15.67 12.88 0.29
CA THR B 110 -14.96 12.64 -0.96
C THR B 110 -14.02 13.78 -1.35
N THR B 111 -14.04 14.90 -0.63
CA THR B 111 -13.14 15.99 -0.93
C THR B 111 -11.74 15.69 -0.42
N SER B 112 -10.75 16.28 -1.08
CA SER B 112 -9.36 16.04 -0.71
C SER B 112 -8.96 16.91 0.48
N PRO B 113 -7.99 16.45 1.27
CA PRO B 113 -7.49 17.29 2.37
C PRO B 113 -6.87 18.58 1.84
N GLY B 114 -7.00 19.64 2.64
CA GLY B 114 -6.55 20.95 2.22
C GLY B 114 -5.14 21.30 2.66
N PHE B 115 -4.67 22.45 2.18
CA PHE B 115 -3.34 22.92 2.53
C PHE B 115 -3.24 23.20 4.02
N ASP B 116 -4.28 23.78 4.61
CA ASP B 116 -4.22 24.17 6.02
C ASP B 116 -4.07 22.95 6.94
N ASP B 117 -4.79 21.86 6.67
CA ASP B 117 -4.70 20.68 7.51
C ASP B 117 -3.71 19.65 6.99
N ILE B 118 -3.01 19.93 5.88
CA ILE B 118 -1.88 19.10 5.49
C ILE B 118 -0.57 19.69 5.99
N MET B 119 -0.36 20.99 5.80
CA MET B 119 0.86 21.67 6.23
C MET B 119 0.64 22.23 7.63
N LYS B 120 1.04 21.47 8.65
CA LYS B 120 0.88 21.88 10.03
C LYS B 120 2.09 22.59 10.60
N GLY B 121 3.21 22.63 9.87
CA GLY B 121 4.40 23.29 10.36
C GLY B 121 5.10 22.51 11.45
N GLU B 122 5.88 23.24 12.25
CA GLU B 122 6.65 22.62 13.32
C GLU B 122 5.76 22.15 14.46
N ALA B 123 4.53 22.65 14.56
CA ALA B 123 3.63 22.19 15.60
C ALA B 123 3.25 20.73 15.41
N GLY B 124 3.05 20.32 14.15
CA GLY B 124 2.68 18.95 13.86
C GLY B 124 1.19 18.71 14.05
N GLY B 125 0.77 17.50 13.70
CA GLY B 125 -0.61 17.09 13.83
C GLY B 125 -0.76 15.90 14.76
N THR B 126 -2.02 15.50 14.94
CA THR B 126 -2.37 14.35 15.75
C THR B 126 -3.24 13.40 14.94
N PHE B 127 -3.00 12.10 15.08
CA PHE B 127 -3.82 11.11 14.42
C PHE B 127 -5.21 11.08 15.04
N ASN B 128 -6.24 10.97 14.20
CA ASN B 128 -7.59 10.75 14.67
C ASN B 128 -8.07 9.33 14.46
N HIS B 129 -7.46 8.61 13.53
CA HIS B 129 -7.70 7.17 13.34
C HIS B 129 -6.35 6.47 13.22
N PRO B 130 -5.61 6.35 14.32
CA PRO B 130 -4.28 5.72 14.25
C PRO B 130 -4.33 4.25 13.85
N TYR B 131 -5.47 3.58 14.03
CA TYR B 131 -5.58 2.19 13.63
C TYR B 131 -5.45 2.02 12.13
N VAL B 132 -5.81 3.04 11.36
CA VAL B 132 -5.71 3.00 9.91
C VAL B 132 -4.74 4.05 9.39
N LEU B 133 -4.06 4.78 10.28
CA LEU B 133 -3.00 5.71 9.92
C LEU B 133 -3.50 6.89 9.07
N ASP B 134 -4.79 7.20 9.16
CA ASP B 134 -5.39 8.29 8.40
C ASP B 134 -5.21 8.11 6.90
N ASP B 135 -5.08 6.86 6.45
CA ASP B 135 -4.83 6.57 5.04
C ASP B 135 -5.84 5.53 4.58
N GLY B 136 -6.24 4.65 5.50
CA GLY B 136 -7.03 3.50 5.16
C GLY B 136 -6.27 2.20 5.12
N THR B 137 -4.98 2.22 5.45
CA THR B 137 -4.15 1.04 5.56
C THR B 137 -4.29 0.47 6.97
N SER B 138 -3.39 -0.43 7.35
CA SER B 138 -3.41 -1.08 8.65
C SER B 138 -2.22 -0.62 9.46
N LEU B 139 -2.47 -0.22 10.72
CA LEU B 139 -1.39 0.09 11.65
C LEU B 139 -0.58 -1.15 12.00
N ALA B 140 -1.18 -2.34 11.89
CA ALA B 140 -0.46 -3.56 12.23
C ALA B 140 0.70 -3.81 11.28
N CYS B 141 0.52 -3.50 10.00
CA CYS B 141 1.55 -3.72 8.99
C CYS B 141 2.45 -2.50 8.81
N ALA B 142 2.36 -1.51 9.69
CA ALA B 142 3.21 -0.33 9.58
C ALA B 142 4.68 -0.62 9.83
N THR B 143 5.01 -1.80 10.34
CA THR B 143 6.40 -2.14 10.60
C THR B 143 7.20 -2.37 9.32
N ILE B 144 6.55 -2.42 8.16
CA ILE B 144 7.27 -2.56 6.90
C ILE B 144 8.10 -1.32 6.62
N PHE B 145 7.70 -0.17 7.17
CA PHE B 145 8.45 1.06 7.04
C PHE B 145 9.62 1.08 8.01
N PRO B 146 10.61 1.94 7.79
CA PRO B 146 11.67 2.13 8.80
C PRO B 146 11.06 2.56 10.12
N HIS B 147 11.38 1.82 11.18
CA HIS B 147 10.67 2.00 12.44
C HIS B 147 11.56 1.57 13.60
N GLN B 148 11.15 2.00 14.80
CA GLN B 148 11.77 1.59 16.04
C GLN B 148 10.69 1.44 17.10
N TRP B 149 10.97 0.65 18.12
CA TRP B 149 10.04 0.41 19.21
C TRP B 149 10.58 1.04 20.49
N ILE B 150 9.70 1.71 21.22
CA ILE B 150 10.02 2.30 22.51
C ILE B 150 9.12 1.64 23.55
N ASN B 151 9.67 0.70 24.30
CA ASN B 151 8.98 0.04 25.39
C ASN B 151 9.54 0.59 26.70
N LEU B 152 8.67 1.18 27.52
CA LEU B 152 9.16 1.86 28.71
C LEU B 152 9.47 0.88 29.83
N ARG B 153 10.19 -0.20 29.48
CA ARG B 153 10.80 -1.07 30.46
C ARG B 153 12.19 -1.54 30.03
N THR B 154 12.56 -1.37 28.77
CA THR B 154 13.86 -1.74 28.25
C THR B 154 14.64 -0.57 27.67
N ASN B 155 13.96 0.34 26.96
CA ASN B 155 14.63 1.49 26.38
C ASN B 155 13.66 2.67 26.37
N ASN B 156 14.22 3.87 26.29
CA ASN B 156 13.41 5.08 26.28
C ASN B 156 13.80 6.02 25.14
N SER B 157 14.55 5.56 24.15
CA SER B 157 14.99 6.41 23.06
C SER B 157 15.03 5.61 21.77
N ALA B 158 14.97 6.33 20.65
CA ALA B 158 15.02 5.72 19.33
C ALA B 158 15.64 6.69 18.36
N THR B 159 16.51 6.18 17.49
CA THR B 159 17.21 6.99 16.50
C THR B 159 17.00 6.37 15.12
N ILE B 160 16.60 7.19 14.16
CA ILE B 160 16.35 6.74 12.80
C ILE B 160 17.08 7.65 11.82
N VAL B 161 17.82 7.05 10.90
CA VAL B 161 18.47 7.76 9.80
C VAL B 161 17.66 7.51 8.54
N LEU B 162 17.57 8.53 7.68
CA LEU B 162 16.73 8.43 6.51
C LEU B 162 17.52 8.69 5.24
N PRO B 163 17.09 8.09 4.13
CA PRO B 163 17.73 8.39 2.84
C PRO B 163 17.07 9.56 2.13
N TRP B 164 17.50 9.82 0.88
CA TRP B 164 16.94 10.92 0.11
C TRP B 164 15.45 10.72 -0.17
N MET B 165 15.07 9.53 -0.63
CA MET B 165 13.67 9.17 -0.85
C MET B 165 12.95 10.13 -1.80
N ASN B 166 13.39 10.13 -3.05
CA ASN B 166 12.66 10.88 -4.07
C ASN B 166 12.90 10.25 -5.44
N ALA B 167 11.87 10.33 -6.28
CA ALA B 167 11.97 9.84 -7.65
C ALA B 167 12.83 10.74 -8.53
N ALA B 168 12.92 12.03 -8.21
CA ALA B 168 13.71 12.96 -8.98
C ALA B 168 14.88 13.47 -8.16
N PRO B 169 15.99 13.85 -8.80
CA PRO B 169 17.13 14.41 -8.04
C PRO B 169 16.81 15.75 -7.39
N MET B 170 15.75 16.43 -7.81
CA MET B 170 15.40 17.74 -7.29
C MET B 170 13.91 17.77 -6.93
N ASP B 171 13.59 18.59 -5.94
CA ASP B 171 12.21 18.77 -5.51
C ASP B 171 12.09 20.11 -4.80
N PHE B 172 10.84 20.53 -4.61
CA PHE B 172 10.54 21.82 -3.98
C PHE B 172 10.08 21.61 -2.56
N PRO B 173 10.86 22.01 -1.55
CA PRO B 173 10.45 21.76 -0.16
C PRO B 173 9.14 22.42 0.22
N LEU B 174 8.84 23.58 -0.36
CA LEU B 174 7.64 24.31 0.02
C LEU B 174 6.36 23.64 -0.47
N ARG B 175 6.45 22.68 -1.40
CA ARG B 175 5.28 22.08 -2.00
C ARG B 175 5.17 20.58 -1.79
N HIS B 176 6.27 19.89 -1.50
CA HIS B 176 6.25 18.43 -1.43
C HIS B 176 6.99 17.98 -0.17
N ASN B 177 6.35 17.10 0.59
CA ASN B 177 6.94 16.54 1.80
C ASN B 177 7.52 15.16 1.49
N GLN B 178 8.76 14.94 1.90
CA GLN B 178 9.47 13.73 1.55
C GLN B 178 9.19 12.60 2.55
N TRP B 179 9.22 12.92 3.83
CA TRP B 179 9.03 11.94 4.89
C TRP B 179 7.95 12.41 5.85
N THR B 180 7.38 11.46 6.58
CA THR B 180 6.42 11.74 7.63
C THR B 180 6.78 10.91 8.85
N LEU B 181 7.26 11.57 9.90
CA LEU B 181 7.60 10.88 11.14
C LEU B 181 6.35 10.78 12.00
N ALA B 182 5.98 9.54 12.35
CA ALA B 182 4.76 9.28 13.12
C ALA B 182 5.12 8.56 14.40
N ILE B 183 4.52 9.00 15.50
CA ILE B 183 4.69 8.39 16.81
C ILE B 183 3.32 7.99 17.32
N ILE B 184 3.09 6.69 17.46
CA ILE B 184 1.79 6.14 17.81
C ILE B 184 1.92 5.28 19.05
N PRO B 185 1.19 5.59 20.13
CA PRO B 185 1.22 4.71 21.32
C PRO B 185 0.36 3.48 21.11
N VAL B 186 1.00 2.33 20.88
CA VAL B 186 0.27 1.09 20.72
C VAL B 186 -0.33 0.64 22.04
N VAL B 187 0.45 0.70 23.11
CA VAL B 187 0.02 0.36 24.46
C VAL B 187 -0.14 1.67 25.24
N PRO B 188 -1.34 2.00 25.71
CA PRO B 188 -1.53 3.29 26.39
C PRO B 188 -0.70 3.40 27.66
N LEU B 189 -0.27 4.62 27.95
CA LEU B 189 0.49 4.89 29.16
C LEU B 189 -0.38 4.66 30.39
N GLY B 190 0.20 4.05 31.41
CA GLY B 190 -0.56 3.69 32.60
C GLY B 190 0.29 3.77 33.85
N THR B 191 -0.37 4.11 34.95
CA THR B 191 0.21 4.11 36.29
C THR B 191 -0.95 3.96 37.27
N ARG B 192 -0.60 3.72 38.54
CA ARG B 192 -1.64 3.57 39.56
C ARG B 192 -2.48 4.84 39.65
N THR B 193 -1.84 6.00 39.66
CA THR B 193 -2.56 7.26 39.55
C THR B 193 -2.88 7.54 38.09
N MET B 194 -4.14 7.87 37.82
CA MET B 194 -4.59 8.08 36.45
C MET B 194 -4.27 9.47 35.92
N SER B 195 -3.37 10.21 36.58
CA SER B 195 -2.92 11.51 36.11
C SER B 195 -1.52 11.41 35.49
N SER B 196 -1.27 10.33 34.76
CA SER B 196 0.06 10.08 34.22
C SER B 196 0.44 11.14 33.19
N MET B 197 1.75 11.37 33.05
CA MET B 197 2.26 12.37 32.13
C MET B 197 3.71 12.01 31.85
N VAL B 198 4.02 11.78 30.58
CA VAL B 198 5.39 11.52 30.11
C VAL B 198 5.66 12.42 28.93
N PRO B 199 6.66 13.29 28.98
CA PRO B 199 6.98 14.12 27.83
C PRO B 199 7.85 13.40 26.80
N ILE B 200 7.58 13.68 25.54
CA ILE B 200 8.31 13.11 24.42
C ILE B 200 9.01 14.24 23.67
N THR B 201 10.31 14.09 23.45
CA THR B 201 11.13 15.10 22.80
C THR B 201 11.63 14.56 21.47
N VAL B 202 11.48 15.35 20.42
CA VAL B 202 11.89 14.98 19.06
C VAL B 202 12.95 15.96 18.59
N SER B 203 14.05 15.43 18.08
CA SER B 203 15.14 16.24 17.55
C SER B 203 15.43 15.79 16.12
N ILE B 204 15.52 16.74 15.20
CA ILE B 204 15.74 16.47 13.79
C ILE B 204 16.99 17.21 13.35
N ALA B 205 17.89 16.49 12.68
CA ALA B 205 19.14 17.07 12.19
C ALA B 205 19.29 16.79 10.70
N PRO B 206 19.22 17.81 9.85
CA PRO B 206 19.44 17.59 8.42
C PRO B 206 20.87 17.14 8.14
N MET B 207 21.04 16.38 7.07
CA MET B 207 22.33 15.82 6.70
C MET B 207 22.79 16.37 5.36
N CYS B 208 24.09 16.67 5.29
CA CYS B 208 24.81 17.14 4.11
C CYS B 208 24.46 18.58 3.76
N CYS B 209 23.39 19.11 4.36
CA CYS B 209 23.03 20.52 4.31
C CYS B 209 23.23 21.16 2.94
N GLU B 210 22.68 20.56 1.89
CA GLU B 210 22.88 21.06 0.54
C GLU B 210 21.66 21.86 0.12
N PHE B 211 21.91 23.06 -0.42
CA PHE B 211 20.85 23.94 -0.90
C PHE B 211 21.35 24.66 -2.15
N ASN B 212 20.63 24.50 -3.25
CA ASN B 212 21.03 25.11 -4.51
C ASN B 212 19.81 25.50 -5.35
N GLY C 1 8.82 -16.65 -50.33
CA GLY C 1 9.95 -17.53 -50.55
C GLY C 1 10.05 -18.65 -49.54
N VAL C 2 9.45 -18.45 -48.38
CA VAL C 2 9.44 -19.43 -47.30
C VAL C 2 8.03 -20.04 -47.23
N PRO C 3 7.88 -21.33 -47.43
CA PRO C 3 6.54 -21.95 -47.36
C PRO C 3 6.17 -22.22 -45.90
N THR C 4 5.02 -21.68 -45.49
CA THR C 4 4.55 -21.81 -44.12
C THR C 4 3.08 -22.19 -44.13
N TYR C 5 2.62 -22.75 -43.00
CA TYR C 5 1.23 -23.07 -42.80
C TYR C 5 0.80 -22.64 -41.40
N LEU C 6 -0.42 -22.15 -41.29
CA LEU C 6 -0.92 -21.68 -40.01
C LEU C 6 -1.26 -22.85 -39.10
N LEU C 7 -0.96 -22.68 -37.82
CA LEU C 7 -1.21 -23.68 -36.79
C LEU C 7 -2.52 -23.41 -36.08
N PRO C 8 -3.15 -24.43 -35.49
CA PRO C 8 -4.34 -24.18 -34.67
C PRO C 8 -4.00 -23.27 -33.50
N GLY C 9 -4.93 -22.39 -33.15
CA GLY C 9 -4.67 -21.40 -32.13
C GLY C 9 -3.85 -20.23 -32.62
N SER C 10 -3.96 -19.89 -33.90
CA SER C 10 -3.29 -18.72 -34.45
C SER C 10 -4.26 -17.56 -34.51
N GLY C 11 -3.74 -16.36 -34.29
CA GLY C 11 -4.59 -15.18 -34.23
C GLY C 11 -5.55 -15.16 -33.06
N GLN C 12 -5.12 -15.70 -31.92
CA GLN C 12 -5.91 -15.69 -30.70
C GLN C 12 -5.23 -14.81 -29.67
N PHE C 13 -6.03 -14.10 -28.88
CA PHE C 13 -5.51 -13.24 -27.82
C PHE C 13 -5.52 -14.02 -26.51
N LEU C 14 -4.34 -14.39 -26.04
CA LEU C 14 -4.18 -15.06 -24.76
C LEU C 14 -3.69 -14.04 -23.75
N THR C 15 -4.47 -13.80 -22.69
CA THR C 15 -4.18 -12.72 -21.76
C THR C 15 -2.87 -12.94 -21.01
N THR C 16 -2.40 -14.18 -20.90
CA THR C 16 -1.15 -14.48 -20.21
C THR C 16 -0.16 -15.03 -21.24
N ASP C 17 0.56 -14.12 -21.89
CA ASP C 17 1.56 -14.51 -22.88
C ASP C 17 2.70 -13.51 -22.84
N ASP C 18 3.88 -13.95 -23.27
CA ASP C 18 5.09 -13.14 -23.28
C ASP C 18 5.56 -13.03 -24.72
N HIS C 19 5.08 -12.02 -25.43
CA HIS C 19 5.46 -11.77 -26.81
C HIS C 19 5.90 -10.32 -26.95
N SER C 20 6.96 -10.11 -27.72
CA SER C 20 7.42 -8.75 -27.99
C SER C 20 6.36 -7.97 -28.75
N SER C 21 6.24 -6.69 -28.42
CA SER C 21 5.22 -5.83 -29.01
C SER C 21 5.88 -4.72 -29.82
N ALA C 22 5.10 -4.16 -30.73
CA ALA C 22 5.58 -3.04 -31.53
C ALA C 22 5.70 -1.81 -30.65
N PRO C 23 6.88 -1.22 -30.53
CA PRO C 23 7.05 -0.07 -29.62
C PRO C 23 6.48 1.20 -30.21
N VAL C 24 5.35 1.65 -29.67
CA VAL C 24 4.82 2.94 -30.05
C VAL C 24 5.78 4.03 -29.56
N LEU C 25 5.91 5.09 -30.35
CA LEU C 25 6.91 6.13 -30.11
C LEU C 25 8.30 5.53 -29.96
N PRO C 26 8.88 4.98 -31.03
CA PRO C 26 10.29 4.55 -30.94
C PRO C 26 11.21 5.75 -30.98
N CYS C 27 12.52 5.51 -30.87
CA CYS C 27 13.55 6.55 -30.87
C CYS C 27 13.33 7.60 -29.79
N PHE C 28 12.49 7.30 -28.81
CA PHE C 28 12.27 8.16 -27.65
C PHE C 28 12.99 7.55 -26.46
N ASN C 29 13.93 8.30 -25.89
CA ASN C 29 14.73 7.81 -24.78
C ASN C 29 14.01 8.07 -23.47
N PRO C 30 13.65 7.05 -22.71
CA PRO C 30 13.04 7.29 -21.40
C PRO C 30 14.05 7.89 -20.44
N THR C 31 13.52 8.50 -19.38
CA THR C 31 14.37 9.08 -18.36
C THR C 31 15.25 8.00 -17.76
N PRO C 32 16.57 8.18 -17.72
CA PRO C 32 17.45 7.15 -17.15
C PRO C 32 17.12 6.92 -15.68
N GLU C 33 17.17 5.65 -15.27
CA GLU C 33 16.83 5.29 -13.92
C GLU C 33 18.02 5.51 -12.99
N MET C 34 17.74 6.12 -11.83
CA MET C 34 18.74 6.33 -10.80
C MET C 34 18.44 5.42 -9.62
N HIS C 35 19.32 5.46 -8.62
CA HIS C 35 19.22 4.59 -7.46
C HIS C 35 18.25 5.18 -6.46
N ILE C 36 17.08 4.57 -6.32
CA ILE C 36 16.12 4.91 -5.28
C ILE C 36 16.32 3.92 -4.13
N PRO C 37 16.63 4.38 -2.93
CA PRO C 37 16.98 3.45 -1.85
C PRO C 37 15.76 2.64 -1.40
N GLY C 38 15.94 1.32 -1.33
CA GLY C 38 14.89 0.42 -0.91
C GLY C 38 14.15 -0.13 -2.11
N GLN C 39 14.46 -1.36 -2.49
CA GLN C 39 13.89 -1.94 -3.71
C GLN C 39 13.50 -3.38 -3.42
N VAL C 40 12.28 -3.74 -3.80
CA VAL C 40 11.76 -5.09 -3.60
C VAL C 40 11.69 -5.77 -4.96
N ARG C 41 12.45 -6.86 -5.12
CA ARG C 41 12.42 -7.66 -6.33
C ARG C 41 11.59 -8.92 -6.17
N ASN C 42 11.50 -9.46 -4.96
CA ASN C 42 10.70 -10.63 -4.67
C ASN C 42 9.73 -10.30 -3.55
N MET C 43 8.49 -10.77 -3.68
CA MET C 43 7.49 -10.53 -2.64
C MET C 43 7.78 -11.33 -1.37
N LEU C 44 8.71 -12.28 -1.41
CA LEU C 44 9.00 -13.09 -0.23
C LEU C 44 9.62 -12.25 0.88
N GLU C 45 10.52 -11.33 0.54
CA GLU C 45 11.14 -10.51 1.58
C GLU C 45 10.16 -9.54 2.22
N VAL C 46 9.01 -9.31 1.58
CA VAL C 46 7.97 -8.49 2.20
C VAL C 46 7.33 -9.23 3.36
N VAL C 47 7.01 -10.52 3.18
CA VAL C 47 6.34 -11.28 4.22
C VAL C 47 7.28 -11.71 5.33
N GLN C 48 8.59 -11.54 5.16
CA GLN C 48 9.55 -11.83 6.21
C GLN C 48 9.72 -10.67 7.19
N VAL C 49 8.78 -9.73 7.20
CA VAL C 49 8.78 -8.61 8.13
C VAL C 49 7.67 -8.83 9.14
N GLU C 50 8.02 -8.70 10.42
CA GLU C 50 7.07 -8.96 11.49
C GLU C 50 5.92 -7.96 11.45
N SER C 51 4.72 -8.45 11.74
CA SER C 51 3.52 -7.61 11.76
C SER C 51 2.72 -7.94 13.01
N MET C 52 2.05 -6.92 13.54
CA MET C 52 1.25 -7.11 14.75
C MET C 52 0.04 -7.99 14.46
N MET C 53 -0.24 -8.91 15.38
CA MET C 53 -1.41 -9.76 15.28
C MET C 53 -2.52 -9.24 16.20
N GLU C 54 -3.76 -9.51 15.81
CA GLU C 54 -4.91 -9.14 16.63
C GLU C 54 -5.12 -10.24 17.67
N ILE C 55 -4.31 -10.19 18.72
CA ILE C 55 -4.35 -11.22 19.76
C ILE C 55 -5.71 -11.22 20.45
N ASN C 56 -6.22 -10.05 20.79
CA ASN C 56 -7.49 -9.94 21.50
C ASN C 56 -8.61 -10.37 20.56
N ASN C 57 -9.10 -11.60 20.75
CA ASN C 57 -10.09 -12.19 19.86
C ASN C 57 -11.53 -11.88 20.25
N THR C 58 -11.74 -11.16 21.34
CA THR C 58 -13.10 -10.81 21.75
C THR C 58 -13.74 -9.94 20.67
N GLU C 59 -14.99 -10.28 20.32
CA GLU C 59 -15.70 -9.55 19.27
C GLU C 59 -16.04 -8.13 19.67
N SER C 60 -16.12 -7.85 20.98
CA SER C 60 -16.44 -6.50 21.41
C SER C 60 -15.31 -5.52 21.10
N ALA C 61 -14.07 -5.99 21.12
CA ALA C 61 -12.93 -5.11 20.90
C ALA C 61 -12.89 -4.65 19.44
N VAL C 62 -12.70 -3.34 19.24
CA VAL C 62 -12.54 -2.76 17.91
C VAL C 62 -11.37 -1.79 17.96
N GLY C 63 -10.82 -1.49 16.78
CA GLY C 63 -9.78 -0.49 16.70
C GLY C 63 -8.48 -0.97 17.31
N MET C 64 -7.75 -0.03 17.92
CA MET C 64 -6.44 -0.34 18.50
C MET C 64 -6.53 -1.25 19.71
N GLU C 65 -7.69 -1.35 20.36
CA GLU C 65 -7.83 -2.16 21.56
C GLU C 65 -7.86 -3.66 21.30
N ARG C 66 -7.86 -4.09 20.04
CA ARG C 66 -7.76 -5.52 19.74
C ARG C 66 -6.35 -5.93 19.35
N LEU C 67 -5.38 -5.04 19.46
CA LEU C 67 -3.98 -5.37 19.18
C LEU C 67 -3.22 -5.85 20.41
N LYS C 68 -3.85 -5.82 21.58
CA LYS C 68 -3.18 -6.17 22.82
C LYS C 68 -4.12 -6.97 23.71
N VAL C 69 -3.55 -7.82 24.55
CA VAL C 69 -4.31 -8.56 25.55
C VAL C 69 -3.83 -8.10 26.93
N ASP C 70 -4.77 -7.94 27.85
CA ASP C 70 -4.50 -7.33 29.14
C ASP C 70 -4.35 -8.41 30.21
N ILE C 71 -3.26 -8.35 30.96
CA ILE C 71 -3.02 -9.22 32.10
C ILE C 71 -3.25 -8.39 33.37
N SER C 72 -4.35 -8.64 34.05
CA SER C 72 -4.71 -7.91 35.24
C SER C 72 -4.34 -8.69 36.50
N ALA C 73 -4.38 -8.00 37.64
CA ALA C 73 -4.12 -8.63 38.92
C ALA C 73 -5.25 -9.56 39.36
N LEU C 74 -6.39 -9.52 38.68
CA LEU C 74 -7.51 -10.42 38.95
C LEU C 74 -7.68 -11.46 37.85
N THR C 75 -6.68 -11.63 36.99
CA THR C 75 -6.79 -12.57 35.89
C THR C 75 -6.84 -14.02 36.40
N ASP C 76 -6.25 -14.26 37.57
CA ASP C 76 -6.29 -15.53 38.31
C ASP C 76 -5.46 -16.60 37.63
N VAL C 77 -4.86 -17.48 38.43
CA VAL C 77 -4.02 -18.54 37.89
C VAL C 77 -4.88 -19.52 37.10
N ASP C 78 -4.29 -20.14 36.08
CA ASP C 78 -4.93 -21.15 35.24
C ASP C 78 -6.17 -20.57 34.54
N GLN C 79 -5.89 -19.60 33.66
CA GLN C 79 -6.91 -19.04 32.79
C GLN C 79 -6.32 -18.88 31.40
N LEU C 80 -7.07 -19.26 30.38
CA LEU C 80 -6.63 -19.13 29.00
C LEU C 80 -6.50 -17.65 28.63
N LEU C 81 -5.27 -17.17 28.49
CA LEU C 81 -5.05 -15.75 28.18
C LEU C 81 -5.52 -15.43 26.76
N PHE C 82 -5.10 -16.23 25.79
CA PHE C 82 -5.53 -16.05 24.41
C PHE C 82 -5.33 -17.35 23.64
N ASN C 83 -6.00 -17.45 22.50
CA ASN C 83 -5.92 -18.61 21.63
C ASN C 83 -5.75 -18.12 20.20
N ILE C 84 -4.70 -18.59 19.52
CA ILE C 84 -4.36 -18.15 18.18
C ILE C 84 -4.47 -19.36 17.25
N PRO C 85 -5.54 -19.50 16.48
CA PRO C 85 -5.56 -20.54 15.45
C PRO C 85 -4.57 -20.21 14.34
N LEU C 86 -3.85 -21.25 13.91
CA LEU C 86 -2.74 -21.09 12.96
C LEU C 86 -3.25 -21.37 11.56
N ASP C 87 -3.92 -20.38 10.97
CA ASP C 87 -4.49 -20.53 9.63
C ASP C 87 -4.38 -19.17 8.94
N ILE C 88 -3.42 -19.05 8.03
CA ILE C 88 -3.12 -17.76 7.41
C ILE C 88 -4.31 -17.26 6.60
N GLN C 89 -4.83 -18.12 5.71
CA GLN C 89 -5.96 -17.74 4.85
C GLN C 89 -7.31 -17.96 5.55
N LEU C 90 -7.40 -17.44 6.77
CA LEU C 90 -8.62 -17.56 7.56
C LEU C 90 -8.77 -16.31 8.42
N ASP C 91 -10.02 -15.90 8.62
CA ASP C 91 -10.29 -14.77 9.50
C ASP C 91 -9.84 -15.10 10.91
N GLY C 92 -9.14 -14.15 11.54
CA GLY C 92 -8.62 -14.35 12.87
C GLY C 92 -7.47 -13.41 13.18
N PRO C 93 -6.59 -13.84 14.08
CA PRO C 93 -5.46 -12.97 14.47
C PRO C 93 -4.54 -12.61 13.32
N LEU C 94 -4.35 -13.51 12.35
CA LEU C 94 -3.39 -13.32 11.28
C LEU C 94 -4.03 -12.76 10.00
N ARG C 95 -5.32 -12.43 10.04
CA ARG C 95 -6.00 -11.99 8.83
C ARG C 95 -5.43 -10.67 8.31
N ASN C 96 -5.14 -9.73 9.21
CA ASN C 96 -4.73 -8.38 8.84
C ASN C 96 -3.23 -8.18 8.90
N THR C 97 -2.45 -9.27 8.90
CA THR C 97 -1.01 -9.16 8.90
C THR C 97 -0.48 -9.09 7.47
N LEU C 98 0.81 -8.75 7.35
CA LEU C 98 1.43 -8.74 6.03
C LEU C 98 1.43 -10.12 5.41
N VAL C 99 1.78 -11.14 6.20
CA VAL C 99 1.84 -12.50 5.66
C VAL C 99 0.44 -12.95 5.23
N GLY C 100 -0.58 -12.60 6.01
CA GLY C 100 -1.93 -12.97 5.63
C GLY C 100 -2.40 -12.26 4.38
N ASN C 101 -2.14 -10.95 4.28
CA ASN C 101 -2.57 -10.20 3.11
C ASN C 101 -1.88 -10.69 1.85
N ILE C 102 -0.58 -10.97 1.92
CA ILE C 102 0.13 -11.44 0.74
C ILE C 102 -0.30 -12.86 0.39
N SER C 103 -0.50 -13.72 1.40
CA SER C 103 -0.90 -15.09 1.14
C SER C 103 -2.31 -15.17 0.55
N ARG C 104 -3.17 -14.19 0.85
CA ARG C 104 -4.49 -14.19 0.27
C ARG C 104 -4.47 -13.94 -1.23
N TYR C 105 -3.35 -13.51 -1.79
CA TYR C 105 -3.19 -13.36 -3.23
C TYR C 105 -2.79 -14.65 -3.92
N TYR C 106 -2.52 -15.72 -3.17
CA TYR C 106 -2.09 -16.98 -3.73
C TYR C 106 -3.01 -18.10 -3.25
N THR C 107 -2.82 -19.28 -3.81
CA THR C 107 -3.64 -20.43 -3.48
C THR C 107 -2.95 -21.44 -2.57
N HIS C 108 -1.70 -21.78 -2.87
CA HIS C 108 -0.95 -22.76 -2.10
C HIS C 108 0.20 -22.07 -1.38
N TRP C 109 0.28 -22.29 -0.07
CA TRP C 109 1.37 -21.76 0.74
C TRP C 109 1.95 -22.87 1.60
N SER C 110 3.25 -22.77 1.86
CA SER C 110 3.93 -23.76 2.68
C SER C 110 5.18 -23.12 3.27
N GLY C 111 5.46 -23.45 4.51
CA GLY C 111 6.64 -22.92 5.18
C GLY C 111 6.42 -22.88 6.67
N SER C 112 7.41 -22.31 7.36
CA SER C 112 7.39 -22.19 8.82
C SER C 112 7.23 -20.73 9.22
N LEU C 113 6.34 -20.49 10.18
CA LEU C 113 6.11 -19.16 10.71
C LEU C 113 6.86 -18.98 12.03
N GLU C 114 7.20 -17.74 12.33
CA GLU C 114 7.82 -17.39 13.60
C GLU C 114 6.94 -16.35 14.29
N MET C 115 6.78 -16.51 15.60
CA MET C 115 5.90 -15.66 16.38
C MET C 115 6.68 -15.06 17.54
N THR C 116 6.53 -13.76 17.75
CA THR C 116 7.23 -13.05 18.81
C THR C 116 6.21 -12.36 19.70
N PHE C 117 6.41 -12.44 21.01
CA PHE C 117 5.57 -11.76 21.98
C PHE C 117 6.40 -10.79 22.78
N MET C 118 5.84 -9.61 23.02
CA MET C 118 6.50 -8.56 23.77
C MET C 118 5.64 -8.17 24.96
N PHE C 119 6.24 -8.14 26.15
CA PHE C 119 5.54 -7.72 27.35
C PHE C 119 5.74 -6.23 27.56
N CYS C 120 4.66 -5.52 27.82
CA CYS C 120 4.72 -4.07 27.92
C CYS C 120 4.19 -3.57 29.25
N GLY C 121 4.61 -4.22 30.34
CA GLY C 121 4.28 -3.79 31.68
C GLY C 121 5.35 -2.90 32.28
N SER C 122 5.24 -2.71 33.59
CA SER C 122 6.21 -1.90 34.30
C SER C 122 7.54 -2.64 34.38
N PHE C 123 8.59 -1.89 34.76
CA PHE C 123 9.91 -2.49 34.89
C PHE C 123 9.96 -3.50 36.03
N MET C 124 9.16 -3.30 37.08
CA MET C 124 9.17 -4.17 38.24
C MET C 124 8.09 -5.24 38.19
N ALA C 125 7.30 -5.31 37.12
CA ALA C 125 6.28 -6.34 37.01
C ALA C 125 6.92 -7.71 36.84
N THR C 126 6.32 -8.71 37.47
CA THR C 126 6.86 -10.07 37.44
C THR C 126 5.72 -11.06 37.28
N GLY C 127 6.05 -12.23 36.76
CA GLY C 127 5.08 -13.28 36.58
C GLY C 127 5.60 -14.33 35.62
N LYS C 128 4.78 -15.34 35.38
CA LYS C 128 5.13 -16.43 34.49
C LYS C 128 3.95 -16.76 33.59
N LEU C 129 4.25 -17.17 32.36
CA LEU C 129 3.25 -17.60 31.41
C LEU C 129 3.70 -18.90 30.75
N ILE C 130 2.73 -19.70 30.33
CA ILE C 130 2.98 -20.96 29.64
C ILE C 130 2.46 -20.80 28.21
N LEU C 131 3.35 -20.94 27.23
CA LEU C 131 2.99 -20.86 25.82
C LEU C 131 2.98 -22.27 25.25
N CYS C 132 1.84 -22.69 24.73
CA CYS C 132 1.65 -24.07 24.27
C CYS C 132 1.36 -24.07 22.78
N TYR C 133 1.99 -24.99 22.06
CA TYR C 133 1.76 -25.18 20.64
C TYR C 133 1.19 -26.57 20.42
N THR C 134 0.14 -26.66 19.62
CA THR C 134 -0.43 -27.95 19.29
C THR C 134 -0.27 -28.26 17.81
N PRO C 135 0.06 -29.50 17.47
CA PRO C 135 0.22 -29.86 16.06
C PRO C 135 -1.09 -29.74 15.31
N PRO C 136 -1.04 -29.71 13.97
CA PRO C 136 -2.29 -29.54 13.20
C PRO C 136 -3.37 -30.56 13.53
N GLY C 137 -2.99 -31.81 13.77
CA GLY C 137 -3.97 -32.81 14.16
C GLY C 137 -4.14 -32.86 15.66
N GLY C 138 -5.18 -32.20 16.16
CA GLY C 138 -5.41 -32.17 17.59
C GLY C 138 -6.41 -31.09 17.95
N SER C 139 -6.64 -30.98 19.26
CA SER C 139 -7.58 -30.01 19.81
C SER C 139 -6.86 -29.05 20.73
N CYS C 140 -7.29 -27.80 20.73
CA CYS C 140 -6.66 -26.79 21.59
C CYS C 140 -6.92 -27.14 23.05
N PRO C 141 -5.88 -27.15 23.89
CA PRO C 141 -6.09 -27.48 25.31
C PRO C 141 -6.91 -26.40 25.99
N THR C 142 -7.66 -26.83 27.00
CA THR C 142 -8.51 -25.93 27.77
C THR C 142 -7.96 -25.59 29.14
N THR C 143 -7.14 -26.47 29.73
CA THR C 143 -6.65 -26.28 31.08
C THR C 143 -5.13 -26.46 31.12
N ARG C 144 -4.54 -26.02 32.24
CA ARG C 144 -3.10 -25.91 32.33
C ARG C 144 -2.41 -27.27 32.28
N GLU C 145 -2.94 -28.27 33.01
CA GLU C 145 -2.22 -29.54 33.08
C GLU C 145 -2.25 -30.29 31.75
N THR C 146 -3.39 -30.26 31.04
CA THR C 146 -3.40 -30.86 29.72
C THR C 146 -2.61 -30.04 28.71
N ALA C 147 -2.48 -28.73 28.95
CA ALA C 147 -1.59 -27.93 28.13
C ALA C 147 -0.14 -28.32 28.32
N MET C 148 0.25 -28.65 29.57
CA MET C 148 1.63 -29.00 29.86
C MET C 148 2.04 -30.34 29.27
N LEU C 149 1.07 -31.18 28.89
CA LEU C 149 1.40 -32.49 28.32
C LEU C 149 2.15 -32.35 27.00
N GLY C 150 1.70 -31.43 26.14
CA GLY C 150 2.33 -31.21 24.86
C GLY C 150 3.55 -30.31 24.97
N THR C 151 4.08 -29.95 23.81
CA THR C 151 5.23 -29.05 23.76
C THR C 151 4.84 -27.67 24.27
N HIS C 152 5.68 -27.09 25.13
CA HIS C 152 5.38 -25.81 25.73
C HIS C 152 6.68 -25.16 26.19
N ILE C 153 6.60 -23.86 26.42
CA ILE C 153 7.71 -23.08 26.95
C ILE C 153 7.18 -22.18 28.07
N VAL C 154 7.86 -22.19 29.21
CA VAL C 154 7.48 -21.35 30.34
C VAL C 154 8.21 -20.02 30.21
N TRP C 155 7.45 -18.94 30.09
CA TRP C 155 8.01 -17.61 29.85
C TRP C 155 7.89 -16.80 31.14
N ASP C 156 9.04 -16.45 31.72
CA ASP C 156 9.11 -15.58 32.89
C ASP C 156 9.39 -14.18 32.38
N PHE C 157 8.35 -13.36 32.28
CA PHE C 157 8.53 -12.01 31.76
C PHE C 157 9.06 -11.04 32.80
N GLY C 158 9.42 -11.51 33.99
CA GLY C 158 10.09 -10.64 34.94
C GLY C 158 11.48 -10.22 34.46
N LEU C 159 12.24 -11.16 33.93
CA LEU C 159 13.57 -10.87 33.39
C LEU C 159 13.51 -10.65 31.88
N GLN C 160 13.04 -11.64 31.13
CA GLN C 160 12.91 -11.50 29.69
C GLN C 160 11.73 -10.61 29.36
N SER C 161 11.89 -9.80 28.30
CA SER C 161 10.81 -8.94 27.85
C SER C 161 10.20 -9.40 26.53
N SER C 162 10.91 -10.20 25.75
CA SER C 162 10.39 -10.73 24.49
C SER C 162 10.70 -12.22 24.41
N ILE C 163 9.76 -12.99 23.87
CA ILE C 163 9.93 -14.41 23.67
C ILE C 163 9.59 -14.73 22.21
N THR C 164 10.37 -15.64 21.62
CA THR C 164 10.18 -16.03 20.23
C THR C 164 10.06 -17.54 20.15
N LEU C 165 9.01 -18.01 19.48
CA LEU C 165 8.80 -19.43 19.26
C LEU C 165 8.56 -19.67 17.77
N ILE C 166 9.15 -20.74 17.26
CA ILE C 166 9.15 -21.04 15.84
C ILE C 166 8.14 -22.15 15.56
N ILE C 167 7.15 -21.86 14.73
CA ILE C 167 6.18 -22.87 14.33
C ILE C 167 6.85 -23.82 13.33
N PRO C 168 6.69 -25.13 13.47
CA PRO C 168 7.35 -26.07 12.55
C PRO C 168 6.75 -25.98 11.15
N TRP C 169 7.49 -26.53 10.19
CA TRP C 169 7.08 -26.47 8.80
C TRP C 169 5.70 -27.08 8.59
N ILE C 170 4.87 -26.41 7.81
CA ILE C 170 3.49 -26.80 7.61
C ILE C 170 3.09 -26.47 6.18
N SER C 171 2.37 -27.39 5.54
CA SER C 171 1.85 -27.20 4.20
C SER C 171 0.34 -26.99 4.31
N GLY C 172 -0.12 -25.77 4.06
CA GLY C 172 -1.54 -25.47 4.28
C GLY C 172 -2.44 -26.16 3.28
N SER C 173 -1.99 -26.35 2.06
CA SER C 173 -2.88 -26.91 1.02
C SER C 173 -3.31 -28.34 1.38
N HIS C 174 -2.37 -29.20 1.75
CA HIS C 174 -2.72 -30.61 2.04
C HIS C 174 -3.71 -30.63 3.20
N TYR C 175 -3.43 -29.84 4.23
CA TYR C 175 -4.30 -29.85 5.44
C TYR C 175 -5.56 -29.12 5.12
N ARG C 176 -6.49 -29.78 4.43
CA ARG C 176 -7.84 -29.20 4.15
C ARG C 176 -7.87 -28.45 2.82
N MET C 177 -7.73 -27.14 2.85
CA MET C 177 -7.92 -26.35 1.61
C MET C 177 -9.28 -26.78 1.06
N PHE C 178 -10.36 -26.39 1.74
CA PHE C 178 -11.73 -26.86 1.34
C PHE C 178 -11.64 -28.36 1.12
N ASN C 179 -11.16 -29.09 2.14
CA ASN C 179 -11.00 -30.56 2.02
C ASN C 179 -12.28 -31.13 1.38
N ASN C 180 -13.45 -30.61 1.77
CA ASN C 180 -14.72 -31.05 1.13
C ASN C 180 -14.43 -31.67 -0.24
N ALA C 187 -9.14 -25.81 8.21
CA ALA C 187 -8.78 -25.08 9.45
C ALA C 187 -8.04 -26.03 10.41
N ASN C 188 -8.19 -25.80 11.72
CA ASN C 188 -7.56 -26.71 12.71
C ASN C 188 -6.16 -27.07 12.21
N VAL C 189 -5.45 -26.09 11.65
CA VAL C 189 -4.08 -26.33 11.23
C VAL C 189 -3.12 -26.20 12.42
N GLY C 190 -3.63 -25.81 13.57
CA GLY C 190 -2.82 -25.71 14.76
C GLY C 190 -3.23 -24.54 15.64
N TYR C 191 -2.86 -24.59 16.92
CA TYR C 191 -3.21 -23.52 17.85
C TYR C 191 -1.98 -23.13 18.66
N VAL C 192 -1.99 -21.88 19.13
CA VAL C 192 -1.03 -21.40 20.10
C VAL C 192 -1.82 -20.78 21.25
N THR C 193 -1.61 -21.28 22.46
CA THR C 193 -2.37 -20.86 23.62
C THR C 193 -1.44 -20.40 24.71
N CYS C 194 -1.98 -19.57 25.61
CA CYS C 194 -1.23 -19.01 26.72
C CYS C 194 -2.01 -19.18 28.00
N PHE C 195 -1.35 -19.64 29.06
CA PHE C 195 -1.95 -19.79 30.37
C PHE C 195 -1.08 -19.08 31.40
N MET C 196 -1.72 -18.64 32.48
CA MET C 196 -1.02 -17.94 33.55
C MET C 196 -0.50 -18.96 34.55
N GLN C 197 0.82 -19.11 34.61
CA GLN C 197 1.41 -20.01 35.60
C GLN C 197 1.27 -19.46 37.00
N THR C 198 1.52 -18.16 37.17
CA THR C 198 1.40 -17.48 38.46
C THR C 198 0.54 -16.24 38.29
N ASN C 199 0.36 -15.51 39.37
CA ASN C 199 -0.30 -14.22 39.31
C ASN C 199 0.67 -13.15 38.82
N LEU C 200 0.14 -11.98 38.51
CA LEU C 200 0.96 -10.84 38.10
C LEU C 200 1.29 -10.02 39.34
N ILE C 201 2.58 -9.84 39.61
CA ILE C 201 3.05 -9.14 40.79
C ILE C 201 3.61 -7.79 40.36
N VAL C 202 3.01 -6.72 40.87
CA VAL C 202 3.44 -5.36 40.54
C VAL C 202 3.57 -4.55 41.82
N PRO C 203 4.46 -3.57 41.86
CA PRO C 203 4.52 -2.68 43.04
C PRO C 203 3.29 -1.80 43.12
N SER C 204 3.09 -1.23 44.31
CA SER C 204 1.88 -0.43 44.54
C SER C 204 1.87 0.82 43.66
N GLU C 205 3.03 1.43 43.43
CA GLU C 205 3.08 2.65 42.63
C GLU C 205 2.76 2.38 41.17
N SER C 206 3.08 1.19 40.66
CA SER C 206 2.85 0.88 39.27
C SER C 206 1.38 0.53 39.02
N SER C 207 1.02 0.49 37.74
CA SER C 207 -0.33 0.11 37.36
C SER C 207 -0.54 -1.38 37.57
N ASP C 208 -1.76 -1.75 37.94
CA ASP C 208 -2.11 -3.14 38.22
C ASP C 208 -2.49 -3.92 36.97
N THR C 209 -2.50 -3.28 35.80
CA THR C 209 -2.85 -3.94 34.55
C THR C 209 -1.70 -3.80 33.57
N CYS C 210 -1.26 -4.92 33.02
CA CYS C 210 -0.20 -4.94 32.02
C CYS C 210 -0.75 -5.50 30.71
N SER C 211 -0.03 -5.24 29.62
CA SER C 211 -0.49 -5.60 28.29
C SER C 211 0.55 -6.43 27.57
N LEU C 212 0.08 -7.21 26.61
CA LEU C 212 0.92 -8.10 25.81
C LEU C 212 0.59 -7.90 24.34
N ILE C 213 1.61 -7.88 23.50
CA ILE C 213 1.44 -7.77 22.05
C ILE C 213 2.22 -8.88 21.38
N GLY C 214 1.81 -9.23 20.18
CA GLY C 214 2.43 -10.32 19.45
C GLY C 214 2.69 -9.96 18.01
N PHE C 215 3.75 -10.55 17.46
CA PHE C 215 4.14 -10.34 16.07
C PHE C 215 4.29 -11.69 15.39
N ILE C 216 4.06 -11.71 14.08
CA ILE C 216 4.23 -12.90 13.27
C ILE C 216 5.00 -12.56 12.01
N ALA C 217 5.82 -13.49 11.55
CA ALA C 217 6.59 -13.31 10.33
C ALA C 217 6.87 -14.68 9.73
N ALA C 218 7.17 -14.70 8.44
CA ALA C 218 7.51 -15.92 7.75
C ALA C 218 9.02 -16.10 7.71
N LYS C 219 9.45 -17.36 7.76
CA LYS C 219 10.88 -17.68 7.70
C LYS C 219 11.32 -17.70 6.24
N ASP C 220 12.57 -18.11 6.00
CA ASP C 220 13.12 -18.11 4.65
C ASP C 220 12.66 -19.29 3.81
N ASP C 221 11.95 -20.25 4.40
CA ASP C 221 11.46 -21.40 3.66
C ASP C 221 10.03 -21.23 3.16
N PHE C 222 9.45 -20.05 3.35
CA PHE C 222 8.08 -19.80 2.91
C PHE C 222 7.97 -19.85 1.39
N SER C 223 6.85 -20.36 0.91
CA SER C 223 6.60 -20.48 -0.52
C SER C 223 5.14 -20.15 -0.82
N LEU C 224 4.91 -19.60 -2.02
CA LEU C 224 3.58 -19.27 -2.48
C LEU C 224 3.47 -19.66 -3.95
N ARG C 225 2.28 -20.12 -4.35
CA ARG C 225 2.07 -20.59 -5.71
C ARG C 225 0.64 -20.31 -6.14
N LEU C 226 0.43 -20.28 -7.46
CA LEU C 226 -0.90 -20.17 -8.07
C LEU C 226 -1.62 -18.90 -7.62
N MET C 227 -1.07 -17.77 -8.07
CA MET C 227 -1.64 -16.46 -7.75
C MET C 227 -3.10 -16.39 -8.19
N ARG C 228 -3.94 -15.84 -7.30
CA ARG C 228 -5.37 -15.70 -7.57
C ARG C 228 -5.80 -14.26 -7.27
N ASP C 229 -7.11 -14.05 -7.22
CA ASP C 229 -7.64 -12.69 -6.95
C ASP C 229 -8.01 -12.56 -5.48
N SER C 230 -7.39 -11.62 -4.78
CA SER C 230 -7.66 -11.42 -3.34
C SER C 230 -9.13 -11.01 -3.17
N PRO C 231 -9.87 -11.58 -2.21
CA PRO C 231 -11.24 -11.18 -1.98
C PRO C 231 -11.33 -10.04 -0.98
N ASP C 232 -10.19 -9.56 -0.50
CA ASP C 232 -10.19 -8.52 0.57
C ASP C 232 -11.09 -7.35 0.21
N ILE C 233 -10.83 -6.67 -0.90
CA ILE C 233 -11.64 -5.46 -1.22
C ILE C 233 -12.50 -5.78 -2.45
N GLY C 234 -13.80 -5.47 -2.37
CA GLY C 234 -14.72 -5.82 -3.48
C GLY C 234 -14.82 -4.71 -4.49
N GLN C 235 -15.23 -5.04 -5.73
CA GLN C 235 -15.31 -4.03 -6.80
C GLN C 235 -16.45 -3.06 -6.48
N ILE C 236 -16.08 -1.83 -6.08
CA ILE C 236 -17.11 -0.80 -5.81
C ILE C 236 -17.85 -0.50 -7.12
N ASP C 237 -19.18 -0.54 -7.12
CA ASP C 237 -19.98 -0.25 -8.33
C ASP C 237 -19.29 0.89 -9.10
N HIS C 238 -19.11 2.04 -8.45
CA HIS C 238 -18.43 3.16 -9.09
C HIS C 238 -17.88 4.05 -8.00
N LEU C 239 -16.65 4.53 -8.18
CA LEU C 239 -16.07 5.49 -7.26
C LEU C 239 -16.56 6.89 -7.60
N HIS C 240 -16.17 7.86 -6.76
CA HIS C 240 -16.67 9.22 -6.90
C HIS C 240 -16.29 9.82 -8.26
N GLY C 241 -15.01 10.01 -8.51
CA GLY C 241 -14.57 10.50 -9.80
C GLY C 241 -14.15 9.39 -10.73
N ALA C 242 -15.07 8.95 -11.59
CA ALA C 242 -14.79 7.85 -12.52
C ALA C 242 -14.95 8.23 -13.98
N GLU C 243 -15.84 9.15 -14.31
CA GLU C 243 -16.02 9.59 -15.69
C GLU C 243 -15.04 10.67 -16.10
N ALA C 244 -14.21 11.16 -15.17
CA ALA C 244 -13.22 12.17 -15.53
C ALA C 244 -12.19 11.61 -16.50
N ALA C 245 -11.81 10.35 -16.33
CA ALA C 245 -10.85 9.74 -17.25
C ALA C 245 -11.41 9.62 -18.65
N TYR C 246 -12.73 9.47 -18.78
CA TYR C 246 -13.38 9.33 -20.08
C TYR C 246 -13.87 10.67 -20.63
N GLN C 247 -13.67 11.76 -19.91
CA GLN C 247 -14.16 13.06 -20.34
C GLN C 247 -13.06 14.13 -20.20
#